data_7QPU
#
_entry.id   7QPU
#
_cell.length_a   44.165
_cell.length_b   129.403
_cell.length_c   78.054
_cell.angle_alpha   90.000
_cell.angle_beta   102.961
_cell.angle_gamma   90.000
#
_symmetry.space_group_name_H-M   'P 1 21 1'
#
loop_
_entity.id
_entity.type
_entity.pdbx_description
1 polymer 'Botulinum neurotoxin sub-type A5'
2 branched 'N-acetyl-alpha-neuraminic acid-(2-3)-beta-D-galactopyranose'
3 non-polymer DI(HYDROXYETHYL)ETHER
4 non-polymer 'SULFATE ION'
5 water water
#
_entity_poly.entity_id   1
_entity_poly.type   'polypeptide(L)'
_entity_poly.pdbx_seq_one_letter_code
;MHHHHHHKNIINTSILNLRYESNHLIDLSRYASEINIGSKVNFDPIDKNQIQLFNLESSKIEIILKNAIVYNSMYENFST
SFWIKIPKYFSKINLNNEYTIINCIENNSGWKVSLNYGEIIWTLQDNKQNIQRVVFKYSQMVAISDYINRWIFITITNNR
LNNSKIYINGRLIDQKPISNLGNIHASNNIMFKLDGCRDPHRYIWIKYFNLFDKELNEKEIKDLYDNQSNSGILKDFWGN
YLQYDKPYYMLNLYDPNKYVDVNNVGIRGYMYLKGPRGSIVTTNIYLNSSLYMGTKFIIKKYASGNKDNIVRNNDRVYIN
VVVKNKEYRLATNASQAGVEKILSVLEIPDVGNLSQVVVMKSKNDQGIRNKCKMNLQDNNGNDIGFIGFHQFNNIDKLVA
SNWYNRQIERSSRTFGCSWEFIPVDDGWGESPL
;
_entity_poly.pdbx_strand_id   A,B
#
# COMPACT_ATOMS: atom_id res chain seq x y z
N LEU A 28 -10.62 -2.81 -6.31
CA LEU A 28 -10.86 -1.42 -5.92
C LEU A 28 -11.07 -0.53 -7.14
N SER A 29 -12.33 -0.20 -7.41
CA SER A 29 -12.66 0.68 -8.52
C SER A 29 -13.88 1.51 -8.14
N ARG A 30 -13.69 2.82 -8.04
CA ARG A 30 -14.77 3.76 -7.78
C ARG A 30 -15.48 4.21 -9.05
N TYR A 31 -15.24 3.51 -10.17
CA TYR A 31 -15.91 3.82 -11.43
C TYR A 31 -16.98 2.81 -11.81
N ALA A 32 -17.00 1.64 -11.18
CA ALA A 32 -17.80 0.52 -11.65
C ALA A 32 -18.75 0.04 -10.57
N SER A 33 -19.90 -0.48 -11.01
CA SER A 33 -20.83 -1.13 -10.12
C SER A 33 -20.68 -2.64 -10.10
N GLU A 34 -20.01 -3.21 -11.10
CA GLU A 34 -19.81 -4.65 -11.21
C GLU A 34 -18.43 -4.90 -11.80
N ILE A 35 -17.66 -5.78 -11.16
CA ILE A 35 -16.31 -6.12 -11.60
C ILE A 35 -16.27 -7.63 -11.80
N ASN A 36 -16.16 -8.05 -13.06
CA ASN A 36 -16.13 -9.48 -13.41
C ASN A 36 -14.69 -9.87 -13.70
N ILE A 37 -14.20 -10.88 -12.97
CA ILE A 37 -12.82 -11.34 -13.07
C ILE A 37 -12.82 -12.74 -13.65
N GLY A 38 -12.12 -12.92 -14.77
CA GLY A 38 -11.96 -14.25 -15.31
C GLY A 38 -11.10 -15.15 -14.44
N SER A 39 -11.25 -16.45 -14.65
CA SER A 39 -10.57 -17.42 -13.80
C SER A 39 -9.06 -17.44 -13.98
N LYS A 40 -8.54 -16.84 -15.05
CA LYS A 40 -7.12 -16.91 -15.37
C LYS A 40 -6.43 -15.56 -15.22
N VAL A 41 -6.88 -14.75 -14.28
CA VAL A 41 -6.22 -13.50 -13.91
C VAL A 41 -5.33 -13.77 -12.71
N ASN A 42 -4.07 -13.39 -12.82
CA ASN A 42 -3.11 -13.59 -11.74
C ASN A 42 -2.87 -12.28 -11.00
N PHE A 43 -2.77 -12.35 -9.68
CA PHE A 43 -2.51 -11.19 -8.84
C PHE A 43 -1.16 -11.35 -8.16
N ASP A 44 -0.39 -10.26 -8.11
CA ASP A 44 0.90 -10.28 -7.45
C ASP A 44 0.70 -10.47 -5.95
N PRO A 45 1.35 -11.46 -5.33
CA PRO A 45 1.13 -11.67 -3.88
C PRO A 45 1.79 -10.61 -3.02
N ILE A 46 2.93 -10.05 -3.42
CA ILE A 46 3.59 -9.03 -2.62
C ILE A 46 2.90 -7.68 -2.80
N ASP A 47 2.40 -7.39 -4.00
CA ASP A 47 1.70 -6.14 -4.28
C ASP A 47 0.39 -6.50 -5.00
N LYS A 48 -0.67 -6.72 -4.24
CA LYS A 48 -1.95 -7.13 -4.79
C LYS A 48 -2.59 -6.09 -5.70
N ASN A 49 -1.99 -4.91 -5.86
CA ASN A 49 -2.47 -3.94 -6.83
C ASN A 49 -2.09 -4.29 -8.26
N GLN A 50 -1.11 -5.17 -8.44
CA GLN A 50 -0.59 -5.49 -9.76
C GLN A 50 -1.34 -6.68 -10.35
N ILE A 51 -1.82 -6.52 -11.56
CA ILE A 51 -2.68 -7.49 -12.24
C ILE A 51 -1.95 -7.99 -13.47
N GLN A 52 -1.85 -9.30 -13.62
CA GLN A 52 -1.18 -9.93 -14.75
C GLN A 52 -2.25 -10.54 -15.65
N LEU A 53 -2.33 -10.05 -16.88
CA LEU A 53 -3.31 -10.52 -17.86
C LEU A 53 -2.57 -11.27 -18.94
N PHE A 54 -2.87 -12.56 -19.08
CA PHE A 54 -2.23 -13.42 -20.05
C PHE A 54 -3.01 -13.41 -21.37
N ASN A 55 -2.35 -13.91 -22.42
CA ASN A 55 -2.98 -14.16 -23.71
C ASN A 55 -3.79 -15.46 -23.66
N LEU A 56 -4.75 -15.49 -22.73
CA LEU A 56 -5.64 -16.62 -22.53
C LEU A 56 -7.06 -16.08 -22.39
N GLU A 57 -8.03 -16.86 -22.86
CA GLU A 57 -9.36 -16.29 -23.07
C GLU A 57 -10.07 -15.96 -21.76
N SER A 58 -9.75 -16.67 -20.67
CA SER A 58 -10.33 -16.36 -19.38
C SER A 58 -9.46 -15.41 -18.56
N SER A 59 -8.42 -14.85 -19.16
CA SER A 59 -7.55 -13.89 -18.48
C SER A 59 -8.03 -12.48 -18.83
N LYS A 60 -9.06 -12.04 -18.10
CA LYS A 60 -9.73 -10.80 -18.44
C LYS A 60 -10.41 -10.25 -17.19
N ILE A 61 -10.60 -8.93 -17.20
CA ILE A 61 -11.36 -8.22 -16.18
C ILE A 61 -12.31 -7.27 -16.88
N GLU A 62 -13.60 -7.50 -16.73
CA GLU A 62 -14.62 -6.57 -17.22
C GLU A 62 -15.16 -5.78 -16.04
N ILE A 63 -15.17 -4.46 -16.16
CA ILE A 63 -15.83 -3.61 -15.20
C ILE A 63 -17.01 -2.93 -15.90
N ILE A 64 -18.12 -2.80 -15.19
CA ILE A 64 -19.32 -2.16 -15.71
C ILE A 64 -19.42 -0.79 -15.05
N LEU A 65 -19.22 0.25 -15.85
CA LEU A 65 -19.19 1.61 -15.32
C LEU A 65 -20.54 1.98 -14.73
N LYS A 66 -20.49 2.80 -13.67
CA LYS A 66 -21.70 3.47 -13.20
C LYS A 66 -22.26 4.35 -14.30
N ASN A 67 -23.59 4.50 -14.30
CA ASN A 67 -24.27 5.19 -15.40
C ASN A 67 -23.74 6.60 -15.62
N ALA A 68 -23.21 7.24 -14.58
CA ALA A 68 -22.67 8.59 -14.70
C ALA A 68 -21.27 8.60 -15.31
N ILE A 69 -20.45 7.59 -15.00
CA ILE A 69 -19.09 7.55 -15.52
C ILE A 69 -19.05 7.20 -17.01
N VAL A 70 -20.11 6.59 -17.54
CA VAL A 70 -20.13 6.23 -18.96
C VAL A 70 -20.04 7.49 -19.82
N TYR A 71 -19.20 7.44 -20.85
CA TYR A 71 -18.93 8.60 -21.68
C TYR A 71 -19.82 8.61 -22.92
N ASN A 72 -20.43 9.76 -23.19
CA ASN A 72 -21.29 9.93 -24.36
C ASN A 72 -21.45 11.45 -24.58
N SER A 73 -20.56 12.02 -25.38
CA SER A 73 -20.61 13.46 -25.61
C SER A 73 -19.85 13.80 -26.88
N MET A 74 -20.11 15.01 -27.39
CA MET A 74 -19.36 15.57 -28.50
C MET A 74 -18.31 16.57 -28.06
N TYR A 75 -18.41 17.09 -26.84
CA TYR A 75 -17.55 18.17 -26.37
C TYR A 75 -16.84 17.88 -25.06
N GLU A 76 -17.36 17.00 -24.21
CA GLU A 76 -16.78 16.76 -22.90
C GLU A 76 -15.38 16.16 -23.01
N ASN A 77 -14.41 16.77 -22.34
CA ASN A 77 -13.07 16.24 -22.31
C ASN A 77 -12.97 15.12 -21.28
N PHE A 78 -12.03 14.19 -21.51
CA PHE A 78 -11.76 13.12 -20.57
C PHE A 78 -10.32 12.65 -20.74
N SER A 79 -9.82 11.97 -19.71
CA SER A 79 -8.45 11.49 -19.69
C SER A 79 -8.39 10.18 -18.92
N THR A 80 -7.41 9.34 -19.28
CA THR A 80 -7.21 8.07 -18.60
C THR A 80 -5.73 7.89 -18.27
N SER A 81 -5.49 7.16 -17.19
CA SER A 81 -4.12 6.88 -16.77
C SER A 81 -4.06 5.47 -16.19
N PHE A 82 -2.88 4.87 -16.27
CA PHE A 82 -2.63 3.53 -15.75
C PHE A 82 -1.13 3.24 -15.85
N TRP A 83 -0.69 2.30 -15.03
CA TRP A 83 0.68 1.81 -15.08
C TRP A 83 0.70 0.46 -15.78
N ILE A 84 1.75 0.22 -16.56
CA ILE A 84 1.84 -1.01 -17.33
C ILE A 84 3.29 -1.46 -17.37
N LYS A 85 3.49 -2.77 -17.32
CA LYS A 85 4.81 -3.38 -17.45
C LYS A 85 4.72 -4.39 -18.60
N ILE A 86 5.37 -4.08 -19.71
CA ILE A 86 5.24 -4.84 -20.94
C ILE A 86 6.48 -5.72 -21.08
N PRO A 87 6.36 -7.04 -21.02
CA PRO A 87 7.54 -7.89 -21.22
C PRO A 87 8.16 -7.68 -22.59
N LYS A 88 9.44 -7.99 -22.69
CA LYS A 88 10.15 -7.82 -23.94
C LYS A 88 9.51 -8.67 -25.03
N TYR A 89 9.59 -8.19 -26.26
CA TYR A 89 9.17 -8.99 -27.40
C TYR A 89 10.37 -9.81 -27.86
N PHE A 90 10.17 -11.13 -27.96
CA PHE A 90 11.29 -12.06 -28.12
C PHE A 90 11.48 -12.55 -29.54
N SER A 91 10.42 -12.64 -30.35
CA SER A 91 10.53 -13.27 -31.64
C SER A 91 9.77 -12.50 -32.70
N LYS A 92 9.90 -12.97 -33.94
CA LYS A 92 9.25 -12.35 -35.09
C LYS A 92 7.74 -12.55 -35.10
N ILE A 93 7.22 -13.45 -34.26
CA ILE A 93 5.78 -13.58 -34.13
C ILE A 93 5.15 -12.35 -33.50
N ASN A 94 5.95 -11.44 -32.94
CA ASN A 94 5.44 -10.21 -32.34
C ASN A 94 5.42 -9.03 -33.31
N LEU A 95 6.15 -9.09 -34.40
CA LEU A 95 6.16 -8.00 -35.37
C LEU A 95 4.82 -7.91 -36.10
N ASN A 96 4.34 -6.68 -36.32
CA ASN A 96 3.12 -6.42 -37.07
C ASN A 96 1.94 -7.20 -36.49
N ASN A 97 1.71 -7.00 -35.19
CA ASN A 97 0.63 -7.70 -34.51
C ASN A 97 0.07 -6.76 -33.44
N GLU A 98 -0.66 -5.73 -33.89
CA GLU A 98 -1.35 -4.83 -32.99
C GLU A 98 -2.52 -5.57 -32.32
N TYR A 99 -2.47 -5.65 -30.98
CA TYR A 99 -3.48 -6.32 -30.19
C TYR A 99 -4.00 -5.38 -29.09
N THR A 100 -5.30 -5.44 -28.85
CA THR A 100 -5.95 -4.61 -27.85
C THR A 100 -5.69 -5.14 -26.44
N ILE A 101 -5.61 -4.22 -25.48
CA ILE A 101 -5.42 -4.61 -24.08
C ILE A 101 -6.50 -3.99 -23.20
N ILE A 102 -7.04 -2.84 -23.61
CA ILE A 102 -8.09 -2.17 -22.86
C ILE A 102 -9.12 -1.68 -23.87
N ASN A 103 -10.32 -2.24 -23.82
CA ASN A 103 -11.33 -2.03 -24.86
C ASN A 103 -12.56 -1.36 -24.28
N CYS A 104 -12.94 -0.23 -24.87
CA CYS A 104 -14.14 0.51 -24.50
C CYS A 104 -14.86 0.96 -25.75
N ILE A 105 -14.94 0.08 -26.74
CA ILE A 105 -15.57 0.38 -28.03
C ILE A 105 -16.78 -0.53 -28.18
N GLU A 106 -17.94 0.09 -28.37
CA GLU A 106 -19.18 -0.62 -28.62
C GLU A 106 -19.91 0.08 -29.76
N ASN A 107 -20.44 -0.72 -30.69
CA ASN A 107 -21.05 -0.19 -31.91
C ASN A 107 -20.09 0.70 -32.69
N ASN A 108 -18.82 0.27 -32.76
CA ASN A 108 -17.78 0.99 -33.50
C ASN A 108 -17.63 2.44 -33.03
N SER A 109 -17.71 2.65 -31.73
CA SER A 109 -17.49 3.98 -31.18
C SER A 109 -16.96 3.85 -29.77
N GLY A 110 -16.06 4.75 -29.39
CA GLY A 110 -15.45 4.69 -28.08
C GLY A 110 -13.94 4.80 -28.16
N TRP A 111 -13.24 4.29 -27.15
CA TRP A 111 -11.79 4.34 -27.14
C TRP A 111 -11.22 2.97 -26.79
N LYS A 112 -9.95 2.78 -27.13
CA LYS A 112 -9.24 1.59 -26.70
C LYS A 112 -7.76 1.91 -26.58
N VAL A 113 -7.07 1.11 -25.76
CA VAL A 113 -5.61 1.10 -25.67
C VAL A 113 -5.15 -0.23 -26.26
N SER A 114 -4.21 -0.15 -27.21
CA SER A 114 -3.68 -1.35 -27.84
C SER A 114 -2.16 -1.31 -27.81
N LEU A 115 -1.54 -2.46 -28.09
CA LEU A 115 -0.09 -2.61 -28.07
C LEU A 115 0.38 -3.27 -29.35
N ASN A 116 1.67 -3.08 -29.63
CA ASN A 116 2.31 -3.74 -30.76
C ASN A 116 3.80 -3.85 -30.44
N TYR A 117 4.57 -4.37 -31.40
CA TYR A 117 6.01 -4.48 -31.22
C TYR A 117 6.58 -3.09 -30.96
N GLY A 118 7.01 -2.84 -29.72
CA GLY A 118 7.60 -1.56 -29.38
C GLY A 118 6.66 -0.37 -29.53
N GLU A 119 5.36 -0.57 -29.29
CA GLU A 119 4.38 0.51 -29.43
C GLU A 119 3.30 0.40 -28.36
N ILE A 120 2.88 1.57 -27.87
CA ILE A 120 1.64 1.72 -27.12
C ILE A 120 0.73 2.64 -27.93
N ILE A 121 -0.51 2.23 -28.15
CA ILE A 121 -1.39 2.88 -29.12
C ILE A 121 -2.70 3.28 -28.44
N TRP A 122 -3.14 4.51 -28.70
CA TRP A 122 -4.43 5.03 -28.26
C TRP A 122 -5.29 5.30 -29.49
N THR A 123 -6.55 4.86 -29.45
CA THR A 123 -7.44 4.97 -30.59
C THR A 123 -8.80 5.52 -30.17
N LEU A 124 -9.33 6.46 -30.96
CA LEU A 124 -10.64 7.06 -30.75
C LEU A 124 -11.49 6.88 -32.00
N GLN A 125 -12.78 6.57 -31.79
CA GLN A 125 -13.71 6.36 -32.90
C GLN A 125 -15.03 7.04 -32.58
N ASP A 126 -15.58 7.75 -33.56
CA ASP A 126 -16.91 8.32 -33.42
C ASP A 126 -17.93 7.44 -34.11
N ASN A 127 -19.19 7.89 -34.14
CA ASN A 127 -20.24 7.13 -34.76
C ASN A 127 -20.29 7.29 -36.28
N LYS A 128 -19.33 8.00 -36.87
CA LYS A 128 -19.29 8.25 -38.31
C LYS A 128 -18.06 7.66 -38.98
N GLN A 129 -17.56 6.55 -38.43
CA GLN A 129 -16.41 5.81 -38.94
C GLN A 129 -15.10 6.61 -38.93
N ASN A 130 -15.06 7.74 -38.23
CA ASN A 130 -13.80 8.49 -38.10
C ASN A 130 -12.95 7.89 -37.00
N ILE A 131 -11.64 7.82 -37.27
CA ILE A 131 -10.68 7.20 -36.37
C ILE A 131 -9.48 8.13 -36.22
N GLN A 132 -8.94 8.20 -35.00
CA GLN A 132 -7.70 8.92 -34.76
C GLN A 132 -6.84 8.11 -33.78
N ARG A 133 -5.56 7.99 -34.09
CA ARG A 133 -4.62 7.20 -33.31
C ARG A 133 -3.49 8.09 -32.81
N VAL A 134 -3.14 7.93 -31.54
CA VAL A 134 -1.94 8.53 -30.98
C VAL A 134 -1.05 7.41 -30.46
N VAL A 135 0.23 7.43 -30.86
CA VAL A 135 1.11 6.28 -30.73
C VAL A 135 2.36 6.68 -29.95
N PHE A 136 2.78 5.80 -29.04
CA PHE A 136 4.06 5.92 -28.36
C PHE A 136 4.97 4.79 -28.83
N LYS A 137 6.20 5.13 -29.21
CA LYS A 137 7.15 4.18 -29.78
C LYS A 137 8.41 4.12 -28.94
N TYR A 138 8.86 2.90 -28.64
CA TYR A 138 10.12 2.69 -27.96
C TYR A 138 10.88 1.56 -28.65
N SER A 139 12.20 1.66 -28.62
CA SER A 139 13.08 0.75 -29.35
C SER A 139 13.55 -0.39 -28.45
N GLN A 140 13.72 -1.57 -29.04
CA GLN A 140 14.34 -2.69 -28.37
C GLN A 140 15.79 -2.87 -28.78
N MET A 141 16.33 -1.93 -29.56
CA MET A 141 17.73 -1.93 -29.96
C MET A 141 18.48 -0.87 -29.18
N VAL A 142 18.45 -0.95 -27.85
CA VAL A 142 19.16 -0.01 -26.98
C VAL A 142 19.83 -0.80 -25.87
N ALA A 143 20.87 -0.21 -25.30
CA ALA A 143 21.64 -0.88 -24.27
C ALA A 143 20.82 -1.10 -23.01
N ILE A 144 20.37 -0.01 -22.39
CA ILE A 144 19.53 -0.05 -21.20
C ILE A 144 18.27 0.75 -21.51
N SER A 145 17.15 0.06 -21.64
CA SER A 145 15.86 0.67 -21.92
C SER A 145 15.15 1.10 -20.64
N ASP A 146 14.43 2.21 -20.72
CA ASP A 146 13.59 2.67 -19.62
C ASP A 146 12.18 2.10 -19.68
N TYR A 147 11.86 1.33 -20.70
CA TYR A 147 10.49 0.88 -20.92
C TYR A 147 10.33 -0.63 -21.01
N ILE A 148 11.34 -1.35 -21.50
CA ILE A 148 11.19 -2.79 -21.69
C ILE A 148 11.06 -3.48 -20.34
N ASN A 149 9.91 -4.12 -20.11
CA ASN A 149 9.64 -4.93 -18.91
C ASN A 149 9.75 -4.10 -17.63
N ARG A 150 9.55 -2.79 -17.74
CA ARG A 150 9.61 -1.91 -16.57
C ARG A 150 8.29 -1.16 -16.43
N TRP A 151 7.90 -0.90 -15.19
CA TRP A 151 6.67 -0.15 -14.96
C TRP A 151 6.79 1.26 -15.51
N ILE A 152 5.85 1.64 -16.36
CA ILE A 152 5.81 2.98 -16.93
C ILE A 152 4.41 3.54 -16.73
N PHE A 153 4.35 4.83 -16.40
CA PHE A 153 3.08 5.53 -16.18
C PHE A 153 2.58 6.09 -17.49
N ILE A 154 1.40 5.65 -17.92
CA ILE A 154 0.79 6.12 -19.16
C ILE A 154 -0.34 7.08 -18.80
N THR A 155 -0.32 8.27 -19.40
CA THR A 155 -1.46 9.17 -19.29
C THR A 155 -1.90 9.56 -20.70
N ILE A 156 -3.21 9.57 -20.91
CA ILE A 156 -3.79 9.93 -22.19
C ILE A 156 -4.89 10.96 -21.93
N THR A 157 -4.77 12.11 -22.58
CA THR A 157 -5.70 13.21 -22.36
C THR A 157 -6.35 13.60 -23.68
N ASN A 158 -7.59 14.07 -23.60
CA ASN A 158 -8.40 14.27 -24.80
C ASN A 158 -9.18 15.57 -24.69
N ASN A 159 -8.89 16.51 -25.59
CA ASN A 159 -9.60 17.78 -25.69
C ASN A 159 -10.40 17.74 -26.98
N ARG A 160 -11.72 17.64 -26.86
CA ARG A 160 -12.57 17.47 -28.03
C ARG A 160 -12.50 18.66 -28.96
N LEU A 161 -11.98 19.79 -28.49
CA LEU A 161 -11.87 20.99 -29.32
C LEU A 161 -10.57 21.05 -30.11
N ASN A 162 -9.58 20.21 -29.78
CA ASN A 162 -8.33 20.19 -30.54
C ASN A 162 -7.68 18.80 -30.57
N ASN A 163 -6.87 18.48 -29.56
CA ASN A 163 -5.92 17.39 -29.69
C ASN A 163 -6.09 16.34 -28.59
N SER A 164 -5.66 15.13 -28.91
CA SER A 164 -5.47 14.07 -27.95
C SER A 164 -3.97 13.90 -27.72
N LYS A 165 -3.58 13.69 -26.47
CA LYS A 165 -2.17 13.62 -26.12
C LYS A 165 -1.90 12.36 -25.33
N ILE A 166 -0.70 11.80 -25.53
CA ILE A 166 -0.24 10.64 -24.78
C ILE A 166 1.02 11.02 -24.03
N TYR A 167 1.03 10.76 -22.73
CA TYR A 167 2.17 11.02 -21.87
C TYR A 167 2.75 9.71 -21.38
N ILE A 168 4.07 9.69 -21.21
CA ILE A 168 4.81 8.56 -20.66
C ILE A 168 5.63 9.08 -19.49
N ASN A 169 5.36 8.54 -18.29
CA ASN A 169 6.03 8.97 -17.06
C ASN A 169 5.96 10.49 -16.88
N GLY A 170 4.82 11.07 -17.26
CA GLY A 170 4.63 12.50 -17.08
C GLY A 170 5.22 13.38 -18.16
N ARG A 171 5.92 12.81 -19.15
CA ARG A 171 6.50 13.58 -20.23
C ARG A 171 5.62 13.47 -21.47
N LEU A 172 5.30 14.60 -22.09
CA LEU A 172 4.55 14.57 -23.34
C LEU A 172 5.38 13.91 -24.43
N ILE A 173 4.77 12.99 -25.17
CA ILE A 173 5.43 12.23 -26.21
C ILE A 173 4.91 12.58 -27.59
N ASP A 174 3.58 12.60 -27.76
CA ASP A 174 3.00 12.83 -29.07
C ASP A 174 1.56 13.32 -28.91
N GLN A 175 1.03 13.89 -30.00
CA GLN A 175 -0.31 14.47 -29.99
C GLN A 175 -0.84 14.52 -31.42
N LYS A 176 -2.16 14.39 -31.54
CA LYS A 176 -2.85 14.36 -32.81
C LYS A 176 -4.18 15.08 -32.68
N PRO A 177 -4.66 15.71 -33.75
CA PRO A 177 -5.95 16.40 -33.68
C PRO A 177 -7.12 15.45 -33.76
N ILE A 178 -8.15 15.73 -32.94
CA ILE A 178 -9.35 14.91 -32.84
C ILE A 178 -10.59 15.77 -33.00
N SER A 179 -10.41 17.05 -33.35
CA SER A 179 -11.54 17.99 -33.38
C SER A 179 -12.56 17.65 -34.45
N ASN A 180 -12.17 16.93 -35.50
CA ASN A 180 -13.13 16.56 -36.53
C ASN A 180 -14.01 15.39 -36.13
N LEU A 181 -13.77 14.79 -34.97
CA LEU A 181 -14.54 13.63 -34.54
C LEU A 181 -15.89 14.08 -33.97
N GLY A 182 -16.96 13.44 -34.41
CA GLY A 182 -18.29 13.78 -33.95
C GLY A 182 -18.59 13.19 -32.58
N ASN A 183 -19.80 12.67 -32.41
CA ASN A 183 -20.19 12.10 -31.13
C ASN A 183 -19.41 10.81 -30.87
N ILE A 184 -18.92 10.67 -29.65
CA ILE A 184 -18.21 9.47 -29.22
C ILE A 184 -19.03 8.87 -28.09
N HIS A 185 -19.76 7.79 -28.39
CA HIS A 185 -20.53 7.08 -27.39
C HIS A 185 -19.73 5.84 -27.01
N ALA A 186 -19.02 5.92 -25.90
CA ALA A 186 -18.17 4.81 -25.48
C ALA A 186 -19.05 3.67 -24.95
N SER A 187 -18.40 2.58 -24.57
CA SER A 187 -19.14 1.44 -24.06
C SER A 187 -19.49 1.64 -22.59
N ASN A 188 -20.47 0.86 -22.13
CA ASN A 188 -20.79 0.84 -20.71
C ASN A 188 -19.72 0.11 -19.93
N ASN A 189 -19.04 -0.84 -20.57
CA ASN A 189 -18.04 -1.67 -19.92
C ASN A 189 -16.65 -1.26 -20.38
N ILE A 190 -15.65 -1.72 -19.65
CA ILE A 190 -14.25 -1.65 -20.06
C ILE A 190 -13.68 -3.06 -19.93
N MET A 191 -13.20 -3.61 -21.04
CA MET A 191 -12.67 -4.97 -21.07
C MET A 191 -11.15 -4.92 -21.04
N PHE A 192 -10.57 -5.37 -19.94
CA PHE A 192 -9.12 -5.49 -19.81
C PHE A 192 -8.76 -6.92 -20.23
N LYS A 193 -8.26 -7.07 -21.45
CA LYS A 193 -8.02 -8.38 -22.03
C LYS A 193 -7.15 -8.23 -23.27
N LEU A 194 -6.19 -9.13 -23.42
CA LEU A 194 -5.41 -9.21 -24.66
C LEU A 194 -6.29 -9.78 -25.77
N ASP A 195 -6.44 -9.03 -26.85
CA ASP A 195 -7.37 -9.38 -27.91
C ASP A 195 -6.69 -9.17 -29.26
N GLY A 196 -6.61 -10.24 -30.05
CA GLY A 196 -5.93 -10.20 -31.34
C GLY A 196 -4.45 -10.50 -31.29
N CYS A 197 -3.94 -11.00 -30.17
CA CYS A 197 -2.51 -11.23 -30.02
C CYS A 197 -2.16 -12.65 -30.46
N ARG A 198 -1.17 -12.77 -31.34
CA ARG A 198 -0.76 -14.07 -31.85
C ARG A 198 0.32 -14.73 -31.02
N ASP A 199 0.89 -14.05 -30.03
CA ASP A 199 1.93 -14.62 -29.19
C ASP A 199 1.28 -15.39 -28.06
N PRO A 200 1.41 -16.72 -28.03
CA PRO A 200 0.73 -17.49 -26.99
C PRO A 200 1.31 -17.26 -25.59
N HIS A 201 2.58 -16.87 -25.49
CA HIS A 201 3.20 -16.63 -24.20
C HIS A 201 3.03 -15.19 -23.72
N ARG A 202 2.29 -14.38 -24.46
CA ARG A 202 2.20 -12.95 -24.20
C ARG A 202 1.38 -12.67 -22.94
N TYR A 203 1.82 -11.68 -22.18
CA TYR A 203 1.06 -11.17 -21.05
C TYR A 203 1.44 -9.71 -20.84
N ILE A 204 0.69 -9.06 -19.96
CA ILE A 204 1.05 -7.73 -19.47
C ILE A 204 0.82 -7.70 -17.97
N TRP A 205 1.43 -6.71 -17.32
CA TRP A 205 1.11 -6.30 -15.95
C TRP A 205 0.48 -4.91 -15.98
N ILE A 206 -0.60 -4.73 -15.22
CA ILE A 206 -1.31 -3.46 -15.19
C ILE A 206 -1.77 -3.16 -13.77
N LYS A 207 -1.83 -1.87 -13.43
CA LYS A 207 -2.30 -1.44 -12.12
C LYS A 207 -2.74 0.01 -12.18
N TYR A 208 -3.53 0.41 -11.18
CA TYR A 208 -3.86 1.82 -10.93
C TYR A 208 -4.54 2.47 -12.13
N PHE A 209 -5.56 1.80 -12.67
CA PHE A 209 -6.34 2.40 -13.74
C PHE A 209 -7.20 3.54 -13.19
N ASN A 210 -7.25 4.64 -13.95
CA ASN A 210 -8.06 5.78 -13.54
C ASN A 210 -8.70 6.43 -14.76
N LEU A 211 -9.89 6.99 -14.54
CA LEU A 211 -10.59 7.79 -15.54
C LEU A 211 -10.82 9.20 -15.00
N PHE A 212 -10.76 10.18 -15.87
CA PHE A 212 -10.96 11.57 -15.49
C PHE A 212 -11.95 12.22 -16.44
N ASP A 213 -12.81 13.07 -15.90
CA ASP A 213 -13.78 13.82 -16.70
C ASP A 213 -13.28 15.22 -17.03
N LYS A 214 -12.01 15.33 -17.40
CA LYS A 214 -11.42 16.59 -17.86
C LYS A 214 -10.13 16.27 -18.58
N GLU A 215 -9.61 17.29 -19.27
CA GLU A 215 -8.29 17.21 -19.91
C GLU A 215 -7.26 17.60 -18.86
N LEU A 216 -6.54 16.61 -18.33
CA LEU A 216 -5.52 16.89 -17.33
C LEU A 216 -4.38 17.70 -17.94
N ASN A 217 -3.86 18.65 -17.17
CA ASN A 217 -2.70 19.41 -17.61
C ASN A 217 -1.42 18.76 -17.10
N GLU A 218 -0.28 19.29 -17.55
CA GLU A 218 1.00 18.65 -17.26
C GLU A 218 1.24 18.55 -15.76
N LYS A 219 0.89 19.59 -15.00
CA LYS A 219 1.10 19.56 -13.56
C LYS A 219 0.26 18.47 -12.90
N GLU A 220 -1.00 18.33 -13.32
CA GLU A 220 -1.84 17.27 -12.77
C GLU A 220 -1.27 15.90 -13.10
N ILE A 221 -0.73 15.74 -14.31
CA ILE A 221 -0.10 14.48 -14.67
C ILE A 221 1.18 14.26 -13.86
N LYS A 222 1.98 15.31 -13.68
CA LYS A 222 3.20 15.22 -12.87
C LYS A 222 2.86 14.78 -11.45
N ASP A 223 1.80 15.33 -10.86
CA ASP A 223 1.45 14.98 -9.49
C ASP A 223 0.91 13.56 -9.39
N LEU A 224 0.14 13.12 -10.38
CA LEU A 224 -0.33 11.74 -10.39
C LEU A 224 0.84 10.76 -10.47
N TYR A 225 1.81 11.05 -11.33
CA TYR A 225 3.00 10.21 -11.46
C TYR A 225 3.73 10.07 -10.13
N ASP A 226 3.91 11.17 -9.40
CA ASP A 226 4.64 11.10 -8.14
C ASP A 226 3.79 10.49 -7.03
N ASN A 227 2.50 10.83 -7.00
CA ASN A 227 1.63 10.33 -5.93
C ASN A 227 1.53 8.81 -5.95
N GLN A 228 1.38 8.20 -7.13
CA GLN A 228 1.22 6.76 -7.25
C GLN A 228 2.56 6.02 -7.38
N SER A 229 3.65 6.62 -6.93
CA SER A 229 4.96 5.99 -6.99
C SER A 229 5.35 5.27 -5.71
N ASN A 230 4.57 5.39 -4.64
CA ASN A 230 4.86 4.74 -3.35
C ASN A 230 6.29 5.06 -2.91
N SER A 231 6.56 6.35 -2.71
CA SER A 231 7.92 6.81 -2.46
C SER A 231 8.52 6.25 -1.17
N GLY A 232 7.70 5.72 -0.27
CA GLY A 232 8.22 5.12 0.95
C GLY A 232 8.77 3.72 0.79
N ILE A 233 8.57 3.10 -0.36
CA ILE A 233 9.02 1.73 -0.62
C ILE A 233 10.05 1.77 -1.75
N LEU A 234 11.17 1.08 -1.56
CA LEU A 234 12.18 1.01 -2.61
C LEU A 234 11.72 0.07 -3.72
N LYS A 235 12.11 0.41 -4.95
CA LYS A 235 11.75 -0.36 -6.14
C LYS A 235 12.98 -1.00 -6.76
N ASP A 236 12.79 -2.16 -7.36
CA ASP A 236 13.88 -2.82 -8.08
C ASP A 236 13.99 -2.18 -9.47
N PHE A 237 14.83 -2.77 -10.33
CA PHE A 237 15.04 -2.18 -11.66
C PHE A 237 13.75 -2.16 -12.47
N TRP A 238 12.89 -3.17 -12.31
CA TRP A 238 11.68 -3.25 -13.11
C TRP A 238 10.54 -2.40 -12.56
N GLY A 239 10.70 -1.83 -11.37
CA GLY A 239 9.66 -1.04 -10.76
C GLY A 239 8.85 -1.77 -9.70
N ASN A 240 9.10 -3.07 -9.50
CA ASN A 240 8.44 -3.78 -8.42
C ASN A 240 9.07 -3.43 -7.08
N TYR A 241 8.34 -3.72 -6.01
CA TYR A 241 8.84 -3.47 -4.67
C TYR A 241 10.14 -4.23 -4.42
N LEU A 242 11.08 -3.56 -3.73
CA LEU A 242 12.30 -4.23 -3.29
C LEU A 242 11.99 -5.19 -2.15
N GLN A 243 12.61 -6.37 -2.20
CA GLN A 243 12.27 -7.45 -1.27
C GLN A 243 13.51 -8.03 -0.62
N TYR A 244 13.31 -8.65 0.54
CA TYR A 244 14.37 -9.38 1.21
C TYR A 244 14.49 -10.79 0.64
N ASP A 245 15.65 -11.40 0.88
CA ASP A 245 15.92 -12.79 0.48
C ASP A 245 15.70 -13.00 -1.01
N LYS A 246 15.86 -11.94 -1.80
CA LYS A 246 15.65 -11.97 -3.24
C LYS A 246 16.96 -11.56 -3.91
N PRO A 247 17.61 -12.44 -4.67
CA PRO A 247 18.93 -12.11 -5.23
C PRO A 247 18.81 -11.08 -6.36
N TYR A 248 19.60 -10.01 -6.25
CA TYR A 248 19.58 -8.90 -7.20
C TYR A 248 20.94 -8.75 -7.86
N TYR A 249 20.95 -8.66 -9.18
CA TYR A 249 22.13 -8.23 -9.91
C TYR A 249 22.21 -6.71 -9.89
N MET A 250 23.41 -6.20 -9.62
CA MET A 250 23.57 -4.78 -9.33
C MET A 250 23.98 -4.01 -10.58
N LEU A 251 23.43 -2.81 -10.72
CA LEU A 251 23.73 -1.89 -11.81
C LEU A 251 24.02 -0.52 -11.20
N ASN A 252 25.18 0.04 -11.53
CA ASN A 252 25.56 1.36 -11.05
C ASN A 252 25.15 2.40 -12.09
N LEU A 253 24.31 3.36 -11.68
CA LEU A 253 23.70 4.26 -12.66
C LEU A 253 24.68 5.29 -13.20
N TYR A 254 25.78 5.57 -12.49
CA TYR A 254 26.77 6.50 -13.01
C TYR A 254 27.48 5.94 -14.22
N ASP A 255 27.84 4.65 -14.18
CA ASP A 255 28.46 3.97 -15.32
C ASP A 255 27.74 2.64 -15.52
N PRO A 256 26.65 2.63 -16.31
CA PRO A 256 25.83 1.41 -16.43
C PRO A 256 26.50 0.30 -17.22
N ASN A 257 27.67 0.53 -17.80
CA ASN A 257 28.36 -0.50 -18.56
C ASN A 257 29.26 -1.37 -17.68
N LYS A 258 29.20 -1.21 -16.37
CA LYS A 258 30.00 -2.00 -15.44
C LYS A 258 29.11 -2.94 -14.64
N TYR A 259 29.75 -3.94 -14.03
CA TYR A 259 29.06 -4.82 -13.09
C TYR A 259 29.99 -5.13 -11.91
N VAL A 260 29.38 -5.53 -10.81
CA VAL A 260 30.12 -5.77 -9.57
C VAL A 260 30.76 -7.14 -9.61
N ASP A 261 32.01 -7.23 -9.18
CA ASP A 261 32.70 -8.50 -9.01
C ASP A 261 33.46 -8.49 -7.70
N VAL A 262 33.89 -9.67 -7.26
CA VAL A 262 34.62 -9.84 -6.02
C VAL A 262 36.01 -10.38 -6.36
N ASN A 263 37.04 -9.63 -6.01
CA ASN A 263 38.42 -10.06 -6.23
C ASN A 263 38.72 -11.33 -5.44
N ASN A 264 38.56 -11.26 -4.11
CA ASN A 264 38.70 -12.43 -3.26
C ASN A 264 37.82 -12.23 -2.03
N VAL A 265 37.37 -13.35 -1.48
CA VAL A 265 36.52 -13.33 -0.30
C VAL A 265 37.40 -13.16 0.94
N GLY A 266 37.00 -12.28 1.83
CA GLY A 266 37.76 -11.98 3.03
C GLY A 266 38.22 -10.54 3.08
N ILE A 267 38.63 -10.13 4.27
CA ILE A 267 39.06 -8.75 4.50
C ILE A 267 40.27 -8.37 3.67
N ARG A 268 40.91 -9.33 3.01
CA ARG A 268 42.02 -9.07 2.12
C ARG A 268 41.58 -8.82 0.67
N GLY A 269 40.32 -9.07 0.34
CA GLY A 269 39.78 -8.81 -0.98
C GLY A 269 38.86 -7.60 -1.00
N TYR A 270 38.37 -7.30 -2.21
CA TYR A 270 37.53 -6.12 -2.40
C TYR A 270 36.49 -6.41 -3.47
N MET A 271 35.51 -5.51 -3.56
CA MET A 271 34.51 -5.52 -4.62
C MET A 271 34.84 -4.39 -5.59
N TYR A 272 34.70 -4.66 -6.89
CA TYR A 272 35.08 -3.69 -7.91
C TYR A 272 34.12 -3.76 -9.09
N LEU A 273 34.14 -2.70 -9.90
CA LEU A 273 33.30 -2.59 -11.08
C LEU A 273 34.14 -2.84 -12.33
N LYS A 274 33.79 -3.87 -13.09
CA LYS A 274 34.50 -4.22 -14.31
C LYS A 274 33.54 -4.19 -15.49
N GLY A 275 34.07 -3.84 -16.66
CA GLY A 275 33.27 -3.74 -17.85
C GLY A 275 34.03 -4.16 -19.09
N PRO A 276 33.37 -4.14 -20.26
CA PRO A 276 31.97 -3.74 -20.43
C PRO A 276 30.98 -4.88 -20.24
N ARG A 277 29.69 -4.56 -20.22
CA ARG A 277 28.65 -5.57 -20.12
C ARG A 277 28.52 -6.34 -21.44
N GLY A 278 27.96 -7.54 -21.34
CA GLY A 278 27.68 -8.33 -22.51
C GLY A 278 26.42 -7.88 -23.23
N SER A 279 26.08 -8.61 -24.28
CA SER A 279 24.93 -8.29 -25.10
C SER A 279 24.03 -9.50 -25.25
N ILE A 280 22.72 -9.27 -25.18
CA ILE A 280 21.72 -10.27 -25.50
C ILE A 280 21.06 -9.86 -26.80
N VAL A 281 21.04 -10.75 -27.79
CA VAL A 281 20.61 -10.39 -29.12
C VAL A 281 19.64 -11.41 -29.68
N THR A 282 18.73 -10.93 -30.52
CA THR A 282 17.94 -11.75 -31.41
C THR A 282 17.69 -10.89 -32.65
N THR A 283 18.28 -11.29 -33.77
CA THR A 283 18.37 -10.44 -34.95
C THR A 283 17.01 -9.89 -35.35
N ASN A 284 16.97 -8.58 -35.62
CA ASN A 284 15.78 -7.82 -36.00
C ASN A 284 14.75 -7.73 -34.89
N ILE A 285 15.06 -8.20 -33.69
CA ILE A 285 14.08 -8.18 -32.60
C ILE A 285 14.58 -7.31 -31.44
N TYR A 286 15.68 -7.69 -30.81
CA TYR A 286 16.20 -6.89 -29.71
C TYR A 286 17.71 -7.04 -29.60
N LEU A 287 18.37 -5.96 -29.18
CA LEU A 287 19.80 -5.95 -28.93
C LEU A 287 20.04 -5.08 -27.70
N ASN A 288 20.23 -5.72 -26.55
CA ASN A 288 20.38 -5.02 -25.28
C ASN A 288 21.62 -5.50 -24.55
N SER A 289 21.99 -4.71 -23.55
CA SER A 289 23.01 -5.14 -22.59
C SER A 289 22.44 -6.21 -21.67
N SER A 290 23.29 -7.16 -21.30
CA SER A 290 22.90 -8.21 -20.39
C SER A 290 22.86 -7.67 -18.97
N LEU A 291 21.85 -8.09 -18.20
CA LEU A 291 21.61 -7.55 -16.87
C LEU A 291 21.93 -8.52 -15.76
N TYR A 292 21.95 -9.82 -16.04
CA TYR A 292 22.28 -10.81 -15.01
C TYR A 292 23.79 -11.02 -15.00
N MET A 293 24.49 -9.99 -14.54
CA MET A 293 25.94 -9.97 -14.56
C MET A 293 26.50 -9.61 -13.20
N GLY A 294 27.54 -10.33 -12.79
CA GLY A 294 28.26 -10.03 -11.56
C GLY A 294 27.73 -10.78 -10.36
N THR A 295 28.31 -10.45 -9.21
CA THR A 295 27.94 -11.09 -7.95
C THR A 295 26.63 -10.49 -7.44
N LYS A 296 25.64 -11.33 -7.23
CA LYS A 296 24.32 -10.88 -6.81
C LYS A 296 24.35 -10.37 -5.36
N PHE A 297 23.47 -9.42 -5.07
CA PHE A 297 23.27 -8.94 -3.71
C PHE A 297 21.97 -9.51 -3.17
N ILE A 298 21.96 -9.85 -1.88
CA ILE A 298 20.78 -10.36 -1.20
C ILE A 298 20.58 -9.55 0.07
N ILE A 299 19.44 -8.86 0.16
CA ILE A 299 19.16 -7.99 1.29
C ILE A 299 18.53 -8.81 2.41
N LYS A 300 19.15 -8.77 3.58
CA LYS A 300 18.72 -9.53 4.75
C LYS A 300 18.12 -8.59 5.79
N LYS A 301 17.21 -9.13 6.58
CA LYS A 301 16.55 -8.36 7.62
C LYS A 301 17.47 -8.19 8.83
N TYR A 302 17.36 -7.02 9.47
CA TYR A 302 18.12 -6.74 10.69
C TYR A 302 17.24 -6.05 11.71
N ALA A 303 16.63 -4.94 11.33
CA ALA A 303 15.75 -4.19 12.23
C ALA A 303 14.63 -3.51 11.44
N LYS A 307 7.41 -6.66 9.13
CA LYS A 307 7.08 -8.07 9.37
C LYS A 307 6.75 -8.79 8.06
N ASP A 308 7.22 -8.23 6.96
CA ASP A 308 7.00 -8.82 5.64
C ASP A 308 8.33 -8.83 4.91
N ASN A 309 8.28 -9.05 3.58
CA ASN A 309 9.47 -9.08 2.74
C ASN A 309 9.54 -7.86 1.83
N ILE A 310 9.24 -6.68 2.36
CA ILE A 310 9.26 -5.44 1.58
C ILE A 310 10.27 -4.49 2.19
N VAL A 311 11.20 -4.00 1.37
CA VAL A 311 12.25 -3.12 1.84
C VAL A 311 11.72 -1.69 1.77
N ARG A 312 11.53 -1.07 2.93
CA ARG A 312 11.00 0.27 3.02
C ARG A 312 12.11 1.26 3.34
N ASN A 313 11.78 2.55 3.16
CA ASN A 313 12.76 3.60 3.39
C ASN A 313 13.24 3.60 4.83
N ASN A 314 14.53 3.89 5.01
CA ASN A 314 15.18 3.98 6.32
C ASN A 314 15.23 2.64 7.04
N ASP A 315 15.00 1.53 6.34
CA ASP A 315 15.19 0.21 6.93
C ASP A 315 16.69 -0.07 7.11
N ARG A 316 17.04 -0.66 8.25
CA ARG A 316 18.41 -1.08 8.53
C ARG A 316 18.52 -2.56 8.21
N VAL A 317 19.40 -2.89 7.24
CA VAL A 317 19.44 -4.21 6.64
C VAL A 317 20.89 -4.70 6.58
N TYR A 318 21.04 -5.97 6.21
CA TYR A 318 22.33 -6.57 5.88
C TYR A 318 22.41 -6.81 4.38
N ILE A 319 23.62 -6.74 3.83
CA ILE A 319 23.85 -7.02 2.43
C ILE A 319 24.73 -8.26 2.33
N ASN A 320 24.18 -9.32 1.74
CA ASN A 320 24.92 -10.53 1.44
C ASN A 320 25.30 -10.55 -0.03
N VAL A 321 26.51 -11.04 -0.31
CA VAL A 321 27.04 -11.14 -1.67
C VAL A 321 27.40 -12.59 -1.93
N VAL A 322 27.02 -13.09 -3.10
CA VAL A 322 27.28 -14.48 -3.48
C VAL A 322 28.53 -14.55 -4.34
N VAL A 323 29.48 -15.39 -3.94
CA VAL A 323 30.68 -15.68 -4.71
C VAL A 323 30.76 -17.19 -4.88
N LYS A 324 30.73 -17.64 -6.13
CA LYS A 324 30.76 -19.07 -6.46
C LYS A 324 29.63 -19.81 -5.74
N ASN A 325 28.42 -19.25 -5.85
CA ASN A 325 27.21 -19.87 -5.33
C ASN A 325 27.29 -20.07 -3.80
N LYS A 326 27.88 -19.11 -3.11
CA LYS A 326 27.95 -19.12 -1.65
C LYS A 326 27.80 -17.71 -1.12
N GLU A 327 26.99 -17.53 -0.08
CA GLU A 327 26.73 -16.21 0.47
C GLU A 327 27.84 -15.76 1.41
N TYR A 328 28.14 -14.47 1.37
CA TYR A 328 29.09 -13.86 2.29
C TYR A 328 28.57 -12.47 2.65
N ARG A 329 29.06 -11.94 3.77
CA ARG A 329 28.55 -10.69 4.31
C ARG A 329 29.38 -9.51 3.80
N LEU A 330 28.70 -8.52 3.23
CA LEU A 330 29.35 -7.28 2.83
C LEU A 330 29.64 -6.45 4.08
N ALA A 331 30.89 -6.01 4.21
CA ALA A 331 31.32 -5.25 5.38
C ALA A 331 32.58 -4.49 5.01
N THR A 332 33.09 -3.71 5.96
CA THR A 332 34.33 -2.98 5.77
C THR A 332 34.96 -2.74 7.14
N ASN A 333 36.22 -2.29 7.10
CA ASN A 333 36.95 -1.86 8.29
C ASN A 333 37.04 -0.34 8.22
N ALA A 334 36.12 0.34 8.93
CA ALA A 334 36.04 1.79 8.86
C ALA A 334 37.26 2.48 9.46
N SER A 335 38.17 1.74 10.09
CA SER A 335 39.38 2.33 10.64
C SER A 335 40.49 2.46 9.60
N GLN A 336 40.24 2.07 8.35
CA GLN A 336 41.22 2.23 7.29
C GLN A 336 41.39 3.70 6.94
N ALA A 337 42.56 4.01 6.37
CA ALA A 337 42.90 5.40 6.07
C ALA A 337 42.06 5.95 4.92
N GLY A 338 41.68 7.21 5.03
CA GLY A 338 40.91 7.89 4.01
C GLY A 338 39.41 7.80 4.26
N VAL A 339 38.68 8.70 3.60
CA VAL A 339 37.23 8.72 3.76
C VAL A 339 36.59 7.58 2.98
N GLU A 340 37.17 7.20 1.85
CA GLU A 340 36.67 6.08 1.05
C GLU A 340 37.03 4.77 1.75
N LYS A 341 36.04 4.16 2.39
CA LYS A 341 36.24 2.90 3.10
C LYS A 341 35.97 1.75 2.15
N ILE A 342 37.02 1.06 1.71
CA ILE A 342 36.88 0.00 0.74
C ILE A 342 36.07 -1.14 1.35
N LEU A 343 35.10 -1.65 0.59
CA LEU A 343 34.22 -2.71 1.05
C LEU A 343 34.85 -4.07 0.80
N SER A 344 34.66 -4.98 1.74
CA SER A 344 35.09 -6.37 1.62
C SER A 344 33.88 -7.29 1.79
N VAL A 345 34.08 -8.55 1.42
CA VAL A 345 33.05 -9.57 1.52
C VAL A 345 33.61 -10.66 2.43
N LEU A 346 33.28 -10.61 3.71
CA LEU A 346 33.80 -11.55 4.69
C LEU A 346 32.83 -12.69 4.94
N GLU A 347 33.36 -13.76 5.52
CA GLU A 347 32.50 -14.84 6.01
C GLU A 347 31.58 -14.29 7.09
N ILE A 348 30.30 -14.70 7.03
CA ILE A 348 29.31 -14.19 7.97
C ILE A 348 29.69 -14.50 9.42
N PRO A 349 30.10 -15.72 9.80
CA PRO A 349 30.51 -15.96 11.19
C PRO A 349 31.75 -15.19 11.61
N ASP A 350 32.51 -14.63 10.66
CA ASP A 350 33.76 -13.96 10.97
C ASP A 350 33.69 -12.46 10.71
N VAL A 351 32.52 -11.86 10.91
CA VAL A 351 32.41 -10.42 10.68
C VAL A 351 32.96 -9.64 11.88
N GLY A 352 32.79 -10.15 13.09
CA GLY A 352 33.32 -9.46 14.26
C GLY A 352 32.60 -8.14 14.46
N ASN A 353 33.38 -7.09 14.69
CA ASN A 353 32.85 -5.75 14.89
C ASN A 353 32.95 -4.88 13.65
N LEU A 354 33.20 -5.49 12.49
CA LEU A 354 33.32 -4.74 11.25
C LEU A 354 31.97 -4.14 10.85
N SER A 355 32.01 -2.93 10.28
CA SER A 355 30.79 -2.22 9.95
C SER A 355 30.05 -2.90 8.82
N GLN A 356 28.77 -3.21 9.06
CA GLN A 356 27.96 -3.96 8.09
C GLN A 356 26.54 -3.45 7.94
N VAL A 357 25.99 -2.71 8.90
CA VAL A 357 24.59 -2.30 8.83
C VAL A 357 24.41 -1.26 7.74
N VAL A 358 23.38 -1.43 6.92
CA VAL A 358 23.09 -0.54 5.80
C VAL A 358 21.68 0.01 5.98
N VAL A 359 21.53 1.32 5.78
CA VAL A 359 20.24 1.98 5.86
C VAL A 359 19.76 2.26 4.44
N MET A 360 18.77 1.48 3.99
CA MET A 360 18.23 1.65 2.65
C MET A 360 17.48 2.97 2.54
N LYS A 361 17.60 3.61 1.38
CA LYS A 361 17.00 4.92 1.17
C LYS A 361 16.48 5.03 -0.26
N SER A 362 15.26 5.52 -0.42
CA SER A 362 14.64 5.68 -1.73
C SER A 362 14.65 7.12 -2.20
N LYS A 373 20.93 5.46 -1.75
CA LYS A 373 20.30 4.14 -1.80
C LYS A 373 20.77 3.21 -0.67
N MET A 374 22.08 3.15 -0.42
CA MET A 374 22.64 2.31 0.63
C MET A 374 23.62 3.14 1.46
N ASN A 375 23.21 3.49 2.68
CA ASN A 375 24.03 4.28 3.60
C ASN A 375 24.58 3.35 4.69
N LEU A 376 25.84 2.96 4.55
CA LEU A 376 26.47 2.07 5.53
C LEU A 376 26.75 2.81 6.83
N GLN A 377 26.44 2.16 7.95
CA GLN A 377 26.63 2.73 9.29
C GLN A 377 27.60 1.87 10.07
N ASP A 378 28.19 2.48 11.11
CA ASP A 378 29.02 1.75 12.05
C ASP A 378 28.15 1.24 13.20
N ASN A 379 28.75 0.47 14.10
CA ASN A 379 28.02 -0.05 15.25
C ASN A 379 27.70 1.02 16.28
N ASN A 380 28.19 2.24 16.09
CA ASN A 380 27.78 3.37 16.91
C ASN A 380 26.58 4.10 16.34
N GLY A 381 26.06 3.66 15.20
CA GLY A 381 24.94 4.33 14.58
C GLY A 381 25.29 5.58 13.80
N ASN A 382 26.55 5.75 13.40
CA ASN A 382 26.98 6.93 12.66
C ASN A 382 27.23 6.59 11.20
N ASP A 383 26.98 7.55 10.34
CA ASP A 383 27.13 7.35 8.89
C ASP A 383 28.59 7.15 8.52
N ILE A 384 28.86 6.10 7.76
CA ILE A 384 30.19 5.85 7.22
C ILE A 384 30.20 6.32 5.76
N GLY A 385 29.04 6.30 5.13
CA GLY A 385 28.85 6.89 3.81
C GLY A 385 27.98 6.02 2.92
N PHE A 386 27.45 6.64 1.87
CA PHE A 386 26.74 5.90 0.84
C PHE A 386 27.70 4.99 0.08
N ILE A 387 27.22 3.79 -0.23
CA ILE A 387 28.03 2.82 -0.99
C ILE A 387 28.16 3.29 -2.42
N GLY A 388 29.39 3.41 -2.90
CA GLY A 388 29.68 3.85 -4.26
C GLY A 388 30.93 3.18 -4.76
N PHE A 389 31.72 3.90 -5.56
CA PHE A 389 32.99 3.37 -6.02
C PHE A 389 34.00 4.50 -6.13
N HIS A 390 35.28 4.13 -6.08
CA HIS A 390 36.38 5.09 -6.16
C HIS A 390 37.57 4.39 -6.83
N GLN A 391 38.32 5.15 -7.63
CA GLN A 391 39.41 4.56 -8.40
C GLN A 391 40.65 4.40 -7.52
N PHE A 392 41.17 3.17 -7.46
CA PHE A 392 42.37 2.84 -6.70
C PHE A 392 43.32 2.09 -7.63
N ASN A 393 44.27 2.82 -8.22
CA ASN A 393 45.28 2.23 -9.11
C ASN A 393 44.60 1.51 -10.27
N ASN A 394 43.82 2.29 -11.03
CA ASN A 394 43.08 1.81 -12.20
C ASN A 394 42.05 0.74 -11.86
N ILE A 395 41.71 0.58 -10.59
CA ILE A 395 40.70 -0.36 -10.14
C ILE A 395 39.59 0.43 -9.46
N ASP A 396 38.41 0.45 -10.07
CA ASP A 396 37.25 1.12 -9.50
C ASP A 396 36.65 0.20 -8.44
N LYS A 397 37.15 0.30 -7.21
CA LYS A 397 36.69 -0.52 -6.11
C LYS A 397 35.49 0.13 -5.43
N LEU A 398 34.61 -0.71 -4.90
CA LEU A 398 33.43 -0.22 -4.20
C LEU A 398 33.82 0.28 -2.81
N VAL A 399 33.42 1.51 -2.49
CA VAL A 399 33.75 2.13 -1.22
C VAL A 399 32.49 2.70 -0.57
N ALA A 400 32.57 2.87 0.75
CA ALA A 400 31.58 3.60 1.52
C ALA A 400 32.20 4.94 1.91
N SER A 401 31.62 6.04 1.42
CA SER A 401 32.23 7.35 1.56
C SER A 401 31.17 8.36 1.98
N ASN A 402 31.45 9.09 3.06
CA ASN A 402 30.60 10.21 3.47
C ASN A 402 30.71 11.39 2.52
N TRP A 403 31.62 11.34 1.55
CA TRP A 403 31.67 12.38 0.52
C TRP A 403 30.37 12.42 -0.27
N TYR A 404 29.73 11.26 -0.46
CA TYR A 404 28.42 11.23 -1.11
C TYR A 404 27.38 11.93 -0.25
N ASN A 405 27.36 11.62 1.05
CA ASN A 405 26.40 12.24 1.97
C ASN A 405 26.52 13.76 1.92
N ARG A 406 27.75 14.28 1.88
CA ARG A 406 27.95 15.73 1.77
C ARG A 406 27.42 16.24 0.44
N GLN A 407 27.92 15.69 -0.66
CA GLN A 407 27.48 16.09 -1.99
C GLN A 407 26.00 15.74 -2.20
N THR A 414 23.28 12.41 -10.27
CA THR A 414 23.64 10.99 -10.28
C THR A 414 25.12 10.78 -9.95
N PHE A 415 25.38 10.14 -8.81
CA PHE A 415 26.72 9.83 -8.36
C PHE A 415 26.94 8.32 -8.41
N GLY A 416 28.16 7.91 -8.05
CA GLY A 416 28.50 6.50 -7.97
C GLY A 416 27.70 5.73 -6.94
N CYS A 417 26.93 6.41 -6.09
CA CYS A 417 26.07 5.80 -5.10
C CYS A 417 24.67 5.50 -5.63
N SER A 418 24.40 5.78 -6.90
CA SER A 418 23.11 5.47 -7.52
C SER A 418 23.14 4.07 -8.09
N TRP A 419 22.37 3.16 -7.47
CA TRP A 419 22.31 1.77 -7.88
C TRP A 419 20.91 1.39 -8.33
N GLU A 420 20.82 0.31 -9.10
CA GLU A 420 19.58 -0.35 -9.44
C GLU A 420 19.70 -1.82 -9.11
N PHE A 421 18.67 -2.39 -8.48
CA PHE A 421 18.63 -3.80 -8.12
C PHE A 421 17.86 -4.55 -9.20
N ILE A 422 18.54 -5.43 -9.92
CA ILE A 422 17.95 -6.15 -11.05
C ILE A 422 17.75 -7.61 -10.69
N PRO A 423 16.53 -8.06 -10.40
CA PRO A 423 16.28 -9.48 -10.18
C PRO A 423 15.99 -10.20 -11.50
N VAL A 424 16.04 -11.53 -11.43
CA VAL A 424 15.64 -12.37 -12.55
C VAL A 424 14.14 -12.21 -12.76
N ASP A 425 13.73 -11.98 -14.01
CA ASP A 425 12.31 -11.76 -14.31
C ASP A 425 11.96 -12.42 -15.64
N ASP A 426 10.75 -13.00 -15.70
CA ASP A 426 10.32 -13.66 -16.94
C ASP A 426 10.10 -12.68 -18.08
N GLY A 427 9.76 -11.43 -17.76
CA GLY A 427 9.55 -10.48 -18.84
C GLY A 427 10.83 -10.02 -19.52
N TRP A 428 11.99 -10.34 -18.96
CA TRP A 428 13.26 -9.98 -19.56
C TRP A 428 13.83 -11.11 -20.42
N GLY A 429 13.76 -12.35 -19.93
CA GLY A 429 14.05 -13.51 -20.74
C GLY A 429 15.49 -13.99 -20.72
N GLU A 430 16.42 -13.15 -20.25
CA GLU A 430 17.83 -13.53 -20.23
C GLU A 430 18.05 -14.72 -19.31
N SER A 431 19.09 -15.50 -19.61
CA SER A 431 19.42 -16.66 -18.79
C SER A 431 20.56 -16.34 -17.85
N PRO A 432 20.42 -16.57 -16.54
CA PRO A 432 21.51 -16.25 -15.61
C PRO A 432 22.72 -17.14 -15.84
N LEU A 433 23.89 -16.52 -15.98
CA LEU A 433 25.11 -17.25 -16.26
C LEU A 433 25.66 -17.88 -14.99
N LEU B 28 -7.78 -10.59 -1.63
CA LEU B 28 -9.15 -11.09 -1.62
C LEU B 28 -9.69 -11.27 -3.05
N SER B 29 -9.20 -10.44 -3.97
CA SER B 29 -9.67 -10.51 -5.34
C SER B 29 -9.21 -11.77 -6.06
N ARG B 30 -8.17 -12.43 -5.54
CA ARG B 30 -7.72 -13.68 -6.14
C ARG B 30 -8.74 -14.80 -5.96
N TYR B 31 -9.67 -14.66 -5.02
CA TYR B 31 -10.66 -15.69 -4.73
C TYR B 31 -11.98 -15.48 -5.46
N ALA B 32 -12.21 -14.31 -6.04
CA ALA B 32 -13.53 -13.92 -6.51
C ALA B 32 -13.64 -13.99 -8.03
N SER B 33 -14.88 -14.12 -8.51
CA SER B 33 -15.19 -13.94 -9.92
C SER B 33 -16.09 -12.75 -10.20
N GLU B 34 -16.87 -12.28 -9.23
CA GLU B 34 -17.66 -11.07 -9.37
C GLU B 34 -17.60 -10.25 -8.10
N ILE B 35 -17.45 -8.94 -8.27
CA ILE B 35 -17.54 -7.99 -7.17
C ILE B 35 -18.61 -6.97 -7.54
N ASN B 36 -19.77 -7.05 -6.89
CA ASN B 36 -20.87 -6.13 -7.14
C ASN B 36 -20.94 -5.10 -6.01
N ILE B 37 -20.93 -3.82 -6.39
CA ILE B 37 -20.91 -2.73 -5.43
C ILE B 37 -22.20 -1.93 -5.56
N GLY B 38 -22.84 -1.64 -4.44
CA GLY B 38 -24.05 -0.84 -4.45
C GLY B 38 -23.77 0.64 -4.50
N SER B 39 -24.81 1.41 -4.84
CA SER B 39 -24.63 2.85 -5.05
C SER B 39 -24.37 3.62 -3.76
N LYS B 40 -24.56 3.02 -2.59
CA LYS B 40 -24.41 3.72 -1.32
C LYS B 40 -23.21 3.24 -0.51
N VAL B 41 -22.19 2.72 -1.18
CA VAL B 41 -20.96 2.30 -0.50
C VAL B 41 -19.97 3.46 -0.56
N ASN B 42 -19.49 3.88 0.59
CA ASN B 42 -18.62 5.04 0.71
C ASN B 42 -17.21 4.61 1.10
N PHE B 43 -16.22 5.22 0.46
CA PHE B 43 -14.81 5.00 0.75
C PHE B 43 -14.21 6.27 1.33
N ASP B 44 -13.36 6.11 2.33
CA ASP B 44 -12.80 7.28 2.99
C ASP B 44 -11.84 8.00 2.05
N PRO B 45 -11.99 9.31 1.86
CA PRO B 45 -11.09 10.03 0.95
C PRO B 45 -9.66 10.12 1.44
N ILE B 46 -9.41 9.99 2.74
CA ILE B 46 -8.04 10.03 3.25
C ILE B 46 -7.39 8.65 3.16
N ASP B 47 -8.19 7.58 3.26
CA ASP B 47 -7.69 6.21 3.15
C ASP B 47 -8.76 5.41 2.41
N LYS B 48 -8.53 5.18 1.12
CA LYS B 48 -9.50 4.50 0.26
C LYS B 48 -9.76 3.06 0.67
N ASN B 49 -8.97 2.50 1.58
CA ASN B 49 -9.22 1.15 2.07
C ASN B 49 -10.32 1.09 3.10
N GLN B 50 -10.66 2.21 3.73
CA GLN B 50 -11.70 2.23 4.74
C GLN B 50 -13.06 2.33 4.08
N ILE B 51 -13.88 1.29 4.24
CA ILE B 51 -15.18 1.16 3.60
C ILE B 51 -16.26 1.37 4.64
N GLN B 52 -17.23 2.22 4.33
CA GLN B 52 -18.35 2.50 5.22
C GLN B 52 -19.62 1.91 4.62
N LEU B 53 -20.29 1.04 5.38
CA LEU B 53 -21.56 0.47 5.01
C LEU B 53 -22.65 1.07 5.89
N PHE B 54 -23.62 1.74 5.28
CA PHE B 54 -24.76 2.31 5.97
C PHE B 54 -25.83 1.25 6.18
N ASN B 55 -26.81 1.57 7.02
CA ASN B 55 -27.99 0.71 7.15
C ASN B 55 -29.00 1.04 6.04
N LEU B 56 -28.54 0.83 4.80
CA LEU B 56 -29.32 1.07 3.60
C LEU B 56 -29.15 -0.11 2.65
N GLU B 57 -30.21 -0.40 1.87
CA GLU B 57 -30.18 -1.56 0.99
C GLU B 57 -29.12 -1.43 -0.09
N SER B 58 -28.88 -0.22 -0.58
CA SER B 58 -27.86 -0.02 -1.61
C SER B 58 -26.46 0.10 -1.03
N SER B 59 -26.27 -0.11 0.27
CA SER B 59 -24.97 0.02 0.90
C SER B 59 -24.46 -1.39 1.20
N LYS B 60 -23.96 -2.04 0.16
CA LYS B 60 -23.59 -3.45 0.26
C LYS B 60 -22.53 -3.74 -0.77
N ILE B 61 -21.76 -4.80 -0.52
CA ILE B 61 -20.73 -5.29 -1.41
C ILE B 61 -20.87 -6.80 -1.47
N GLU B 62 -21.25 -7.32 -2.63
CA GLU B 62 -21.39 -8.76 -2.83
C GLU B 62 -20.17 -9.30 -3.55
N ILE B 63 -19.57 -10.33 -2.99
CA ILE B 63 -18.43 -11.01 -3.58
C ILE B 63 -18.88 -12.41 -3.99
N ILE B 64 -18.71 -12.73 -5.25
CA ILE B 64 -19.06 -14.04 -5.78
C ILE B 64 -17.76 -14.81 -5.99
N LEU B 65 -17.60 -15.91 -5.26
CA LEU B 65 -16.36 -16.66 -5.27
C LEU B 65 -16.24 -17.53 -6.52
N LYS B 66 -15.00 -17.85 -6.87
CA LYS B 66 -14.77 -18.81 -7.94
C LYS B 66 -15.30 -20.19 -7.56
N ASN B 67 -15.06 -20.61 -6.33
CA ASN B 67 -15.58 -21.86 -5.79
C ASN B 67 -15.99 -21.63 -4.34
N ALA B 68 -17.03 -22.34 -3.91
CA ALA B 68 -17.47 -22.21 -2.52
C ALA B 68 -16.47 -22.77 -1.52
N ILE B 69 -15.37 -23.36 -1.98
CA ILE B 69 -14.32 -23.87 -1.09
C ILE B 69 -12.97 -23.35 -1.57
N VAL B 70 -13.00 -22.30 -2.40
CA VAL B 70 -11.77 -21.80 -3.01
C VAL B 70 -10.79 -21.30 -1.95
N TYR B 71 -11.29 -20.83 -0.81
CA TYR B 71 -10.45 -20.33 0.27
C TYR B 71 -10.21 -21.36 1.36
N ASN B 72 -10.64 -22.61 1.15
CA ASN B 72 -10.40 -23.68 2.12
C ASN B 72 -9.08 -24.37 1.84
N SER B 73 -8.42 -24.83 2.91
CA SER B 73 -7.22 -25.62 2.76
C SER B 73 -7.59 -27.02 2.25
N MET B 74 -6.60 -27.91 2.18
CA MET B 74 -6.90 -29.29 1.88
C MET B 74 -7.63 -29.97 3.03
N TYR B 75 -7.37 -29.52 4.25
CA TYR B 75 -8.05 -30.01 5.46
C TYR B 75 -9.44 -29.41 5.64
N GLU B 76 -9.95 -28.65 4.67
CA GLU B 76 -11.25 -27.98 4.75
C GLU B 76 -11.29 -26.95 5.88
N ASN B 77 -10.15 -26.34 6.20
CA ASN B 77 -10.06 -25.29 7.20
C ASN B 77 -9.85 -23.94 6.52
N PHE B 78 -10.03 -22.87 7.30
CA PHE B 78 -9.84 -21.52 6.79
C PHE B 78 -9.82 -20.54 7.94
N SER B 79 -9.22 -19.39 7.69
CA SER B 79 -9.26 -18.28 8.64
C SER B 79 -9.72 -17.03 7.91
N THR B 80 -10.15 -16.04 8.68
CA THR B 80 -10.55 -14.75 8.13
C THR B 80 -10.13 -13.64 9.08
N SER B 81 -9.76 -12.50 8.50
CA SER B 81 -9.34 -11.35 9.28
C SER B 81 -9.89 -10.08 8.64
N PHE B 82 -10.08 -9.05 9.47
CA PHE B 82 -10.55 -7.75 9.01
C PHE B 82 -10.43 -6.75 10.16
N TRP B 83 -10.26 -5.49 9.80
CA TRP B 83 -10.37 -4.41 10.75
C TRP B 83 -11.79 -3.85 10.70
N ILE B 84 -12.28 -3.39 11.86
CA ILE B 84 -13.62 -2.83 11.94
C ILE B 84 -13.62 -1.70 12.96
N LYS B 85 -14.41 -0.67 12.68
CA LYS B 85 -14.57 0.50 13.54
C LYS B 85 -16.06 0.68 13.80
N ILE B 86 -16.51 0.38 15.02
CA ILE B 86 -17.93 0.31 15.34
C ILE B 86 -18.32 1.57 16.11
N PRO B 87 -19.12 2.47 15.54
CA PRO B 87 -19.55 3.65 16.28
C PRO B 87 -20.34 3.28 17.53
N LYS B 88 -20.33 4.18 18.50
CA LYS B 88 -20.97 3.91 19.78
C LYS B 88 -22.48 3.71 19.60
N TYR B 89 -23.05 2.79 20.37
CA TYR B 89 -24.49 2.60 20.36
C TYR B 89 -25.16 3.64 21.26
N PHE B 90 -26.17 4.32 20.72
CA PHE B 90 -26.76 5.46 21.40
C PHE B 90 -28.17 5.23 21.93
N SER B 91 -28.97 4.39 21.25
CA SER B 91 -30.40 4.31 21.54
C SER B 91 -30.77 2.98 22.19
N LYS B 92 -31.96 2.98 22.80
CA LYS B 92 -32.51 1.74 23.35
C LYS B 92 -32.79 0.72 22.26
N ILE B 93 -33.03 1.18 21.03
CA ILE B 93 -33.30 0.26 19.92
C ILE B 93 -32.08 -0.58 19.58
N ASN B 94 -30.89 -0.17 20.02
CA ASN B 94 -29.67 -0.96 19.81
C ASN B 94 -29.56 -2.13 20.76
N LEU B 95 -30.23 -2.10 21.91
CA LEU B 95 -30.18 -3.24 22.83
C LEU B 95 -30.98 -4.41 22.25
N ASN B 96 -30.40 -5.60 22.32
CA ASN B 96 -31.04 -6.84 21.85
C ASN B 96 -31.45 -6.72 20.38
N ASN B 97 -30.46 -6.41 19.53
CA ASN B 97 -30.71 -6.32 18.09
C ASN B 97 -29.44 -6.80 17.37
N GLU B 98 -29.28 -8.12 17.30
CA GLU B 98 -28.19 -8.72 16.55
C GLU B 98 -28.46 -8.62 15.06
N TYR B 99 -27.49 -8.10 14.31
CA TYR B 99 -27.61 -7.95 12.87
C TYR B 99 -26.35 -8.48 12.18
N THR B 100 -26.55 -9.10 11.02
CA THR B 100 -25.44 -9.60 10.22
C THR B 100 -24.79 -8.47 9.45
N ILE B 101 -23.46 -8.49 9.36
CA ILE B 101 -22.73 -7.50 8.58
C ILE B 101 -21.94 -8.17 7.47
N ILE B 102 -21.49 -9.41 7.71
CA ILE B 102 -20.79 -10.19 6.70
C ILE B 102 -21.45 -11.55 6.63
N ASN B 103 -22.05 -11.87 5.48
CA ASN B 103 -22.88 -13.06 5.33
C ASN B 103 -22.30 -13.98 4.29
N CYS B 104 -22.05 -15.24 4.68
CA CYS B 104 -21.70 -16.30 3.76
C CYS B 104 -22.52 -17.56 4.08
N ILE B 105 -23.80 -17.37 4.39
CA ILE B 105 -24.70 -18.45 4.74
C ILE B 105 -25.67 -18.65 3.59
N GLU B 106 -25.87 -19.90 3.19
CA GLU B 106 -26.87 -20.26 2.21
C GLU B 106 -27.36 -21.67 2.53
N ASN B 107 -28.65 -21.90 2.29
CA ASN B 107 -29.31 -23.16 2.68
C ASN B 107 -29.20 -23.41 4.18
N ASN B 108 -29.14 -22.32 4.96
CA ASN B 108 -28.89 -22.38 6.39
C ASN B 108 -27.63 -23.19 6.71
N SER B 109 -26.57 -22.90 5.97
CA SER B 109 -25.27 -23.49 6.23
C SER B 109 -24.19 -22.46 5.87
N GLY B 110 -23.10 -22.47 6.61
CA GLY B 110 -22.00 -21.56 6.33
C GLY B 110 -21.55 -20.75 7.52
N TRP B 111 -20.99 -19.57 7.28
CA TRP B 111 -20.53 -18.71 8.36
C TRP B 111 -21.07 -17.31 8.16
N LYS B 112 -21.07 -16.53 9.25
CA LYS B 112 -21.44 -15.13 9.17
C LYS B 112 -20.78 -14.39 10.30
N VAL B 113 -20.57 -13.10 10.09
CA VAL B 113 -20.18 -12.16 11.13
C VAL B 113 -21.42 -11.33 11.47
N SER B 114 -21.69 -11.18 12.76
CA SER B 114 -22.82 -10.40 13.23
C SER B 114 -22.35 -9.41 14.27
N LEU B 115 -23.15 -8.36 14.47
CA LEU B 115 -22.91 -7.37 15.51
C LEU B 115 -24.13 -7.28 16.42
N ASN B 116 -23.88 -6.81 17.64
CA ASN B 116 -24.93 -6.53 18.60
C ASN B 116 -24.36 -5.55 19.63
N TYR B 117 -25.24 -5.03 20.48
CA TYR B 117 -24.83 -4.07 21.48
C TYR B 117 -23.66 -4.63 22.30
N GLY B 118 -22.45 -4.15 22.03
CA GLY B 118 -21.29 -4.58 22.79
C GLY B 118 -20.77 -5.95 22.47
N GLU B 119 -21.03 -6.46 21.26
CA GLU B 119 -20.67 -7.81 20.89
C GLU B 119 -20.28 -7.87 19.41
N ILE B 120 -19.27 -8.67 19.12
CA ILE B 120 -18.95 -9.10 17.78
C ILE B 120 -19.09 -10.62 17.75
N ILE B 121 -19.86 -11.13 16.79
CA ILE B 121 -20.31 -12.52 16.85
C ILE B 121 -19.89 -13.26 15.60
N TRP B 122 -19.17 -14.35 15.79
CA TRP B 122 -18.83 -15.28 14.72
C TRP B 122 -19.72 -16.51 14.84
N THR B 123 -20.34 -16.90 13.74
CA THR B 123 -21.32 -17.98 13.75
C THR B 123 -20.96 -18.99 12.67
N LEU B 124 -20.97 -20.28 13.04
CA LEU B 124 -20.82 -21.39 12.11
C LEU B 124 -22.10 -22.21 12.11
N GLN B 125 -22.64 -22.48 10.93
CA GLN B 125 -23.79 -23.35 10.78
C GLN B 125 -23.46 -24.48 9.82
N ASP B 126 -23.71 -25.72 10.24
CA ASP B 126 -23.49 -26.87 9.39
C ASP B 126 -24.78 -27.22 8.65
N ASN B 127 -24.82 -28.38 8.00
CA ASN B 127 -25.97 -28.79 7.20
C ASN B 127 -27.00 -29.59 7.99
N LYS B 128 -26.82 -29.71 9.31
CA LYS B 128 -27.74 -30.45 10.15
C LYS B 128 -28.38 -29.57 11.21
N GLN B 129 -28.61 -28.29 10.88
CA GLN B 129 -29.25 -27.33 11.77
C GLN B 129 -28.49 -27.11 13.07
N ASN B 130 -27.19 -27.41 13.10
CA ASN B 130 -26.36 -27.13 14.26
C ASN B 130 -25.57 -25.84 14.03
N ILE B 131 -25.47 -25.02 15.08
CA ILE B 131 -24.74 -23.77 15.01
C ILE B 131 -23.74 -23.72 16.14
N GLN B 132 -22.70 -22.91 15.95
CA GLN B 132 -21.72 -22.62 16.99
C GLN B 132 -21.36 -21.14 16.90
N ARG B 133 -21.42 -20.44 18.03
CA ARG B 133 -21.10 -19.02 18.09
C ARG B 133 -19.83 -18.80 18.89
N VAL B 134 -19.00 -17.88 18.41
CA VAL B 134 -17.79 -17.44 19.11
C VAL B 134 -17.86 -15.92 19.22
N VAL B 135 -17.90 -15.41 20.45
CA VAL B 135 -18.31 -14.04 20.71
C VAL B 135 -17.21 -13.28 21.43
N PHE B 136 -16.99 -12.05 21.01
CA PHE B 136 -16.20 -11.06 21.74
C PHE B 136 -17.16 -10.02 22.32
N LYS B 137 -16.97 -9.68 23.59
CA LYS B 137 -17.86 -8.77 24.30
C LYS B 137 -17.05 -7.61 24.88
N TYR B 138 -17.47 -6.39 24.57
CA TYR B 138 -16.90 -5.20 25.17
C TYR B 138 -18.03 -4.39 25.82
N SER B 139 -17.65 -3.55 26.76
CA SER B 139 -18.62 -2.77 27.54
C SER B 139 -18.63 -1.32 27.08
N GLN B 140 -19.80 -0.69 27.20
CA GLN B 140 -19.92 0.75 26.98
C GLN B 140 -19.99 1.52 28.29
N MET B 141 -19.84 0.85 29.42
CA MET B 141 -19.84 1.49 30.72
C MET B 141 -18.41 1.48 31.26
N VAL B 142 -17.50 2.10 30.51
CA VAL B 142 -16.08 2.10 30.87
C VAL B 142 -15.55 3.50 30.58
N ALA B 143 -14.56 3.92 31.38
CA ALA B 143 -14.08 5.29 31.31
C ALA B 143 -13.46 5.58 29.95
N ILE B 144 -12.50 4.75 29.52
CA ILE B 144 -11.82 4.93 28.25
C ILE B 144 -11.82 3.58 27.55
N SER B 145 -12.53 3.47 26.44
CA SER B 145 -12.72 2.19 25.77
C SER B 145 -11.67 1.98 24.68
N ASP B 146 -11.05 0.80 24.69
CA ASP B 146 -10.16 0.42 23.59
C ASP B 146 -10.92 0.08 22.32
N TYR B 147 -12.23 -0.13 22.39
CA TYR B 147 -12.97 -0.71 21.28
C TYR B 147 -14.05 0.19 20.69
N ILE B 148 -14.72 1.01 21.50
CA ILE B 148 -15.83 1.84 21.01
C ILE B 148 -15.31 2.84 19.98
N ASN B 149 -15.82 2.73 18.75
CA ASN B 149 -15.51 3.65 17.65
C ASN B 149 -14.03 3.73 17.32
N ARG B 150 -13.25 2.72 17.68
CA ARG B 150 -11.84 2.66 17.32
C ARG B 150 -11.59 1.43 16.47
N TRP B 151 -10.60 1.52 15.59
CA TRP B 151 -10.24 0.38 14.75
C TRP B 151 -9.72 -0.75 15.62
N ILE B 152 -10.33 -1.92 15.50
CA ILE B 152 -9.88 -3.13 16.18
C ILE B 152 -9.72 -4.23 15.15
N PHE B 153 -8.66 -5.01 15.32
CA PHE B 153 -8.30 -6.08 14.39
C PHE B 153 -8.99 -7.38 14.80
N ILE B 154 -9.82 -7.91 13.92
CA ILE B 154 -10.54 -9.16 14.16
C ILE B 154 -9.87 -10.28 13.36
N THR B 155 -9.57 -11.40 14.03
CA THR B 155 -9.07 -12.58 13.35
C THR B 155 -9.80 -13.81 13.86
N ILE B 156 -10.27 -14.65 12.94
CA ILE B 156 -11.06 -15.82 13.29
C ILE B 156 -10.50 -17.03 12.55
N THR B 157 -10.03 -18.02 13.29
CA THR B 157 -9.49 -19.25 12.74
C THR B 157 -10.45 -20.39 12.98
N ASN B 158 -10.51 -21.32 12.02
CA ASN B 158 -11.46 -22.44 12.07
C ASN B 158 -10.74 -23.73 11.74
N ASN B 159 -10.76 -24.68 12.68
CA ASN B 159 -10.29 -26.04 12.46
C ASN B 159 -11.48 -26.97 12.59
N ARG B 160 -11.88 -27.59 11.47
CA ARG B 160 -13.08 -28.43 11.48
C ARG B 160 -12.95 -29.62 12.42
N LEU B 161 -11.73 -30.05 12.75
CA LEU B 161 -11.53 -31.15 13.68
C LEU B 161 -11.02 -30.69 15.04
N ASN B 162 -11.14 -29.40 15.33
CA ASN B 162 -10.72 -28.86 16.63
C ASN B 162 -11.59 -27.67 17.01
N ASN B 163 -10.99 -26.48 17.09
CA ASN B 163 -11.66 -25.32 17.64
C ASN B 163 -11.82 -24.21 16.60
N SER B 164 -12.79 -23.34 16.86
CA SER B 164 -12.94 -22.06 16.18
C SER B 164 -12.57 -20.97 17.18
N LYS B 165 -11.58 -20.16 16.85
CA LYS B 165 -11.04 -19.17 17.76
C LYS B 165 -11.25 -17.76 17.23
N ILE B 166 -11.42 -16.81 18.14
CA ILE B 166 -11.52 -15.40 17.79
C ILE B 166 -10.40 -14.64 18.49
N TYR B 167 -9.75 -13.76 17.75
CA TYR B 167 -8.68 -12.91 18.26
C TYR B 167 -9.09 -11.45 18.09
N ILE B 168 -8.67 -10.62 19.03
CA ILE B 168 -8.89 -9.18 18.98
C ILE B 168 -7.54 -8.50 19.13
N ASN B 169 -7.13 -7.77 18.08
CA ASN B 169 -5.84 -7.08 18.05
C ASN B 169 -4.68 -8.05 18.34
N GLY B 170 -4.78 -9.27 17.81
CA GLY B 170 -3.73 -10.24 17.94
C GLY B 170 -3.67 -10.98 19.25
N ARG B 171 -4.78 -11.08 19.99
CA ARG B 171 -4.80 -11.79 21.27
C ARG B 171 -6.03 -12.67 21.34
N LEU B 172 -5.86 -13.91 21.80
CA LEU B 172 -6.96 -14.85 21.85
C LEU B 172 -7.96 -14.46 22.93
N ILE B 173 -9.23 -14.40 22.56
CA ILE B 173 -10.29 -13.96 23.45
C ILE B 173 -11.22 -15.11 23.82
N ASP B 174 -11.59 -15.94 22.85
CA ASP B 174 -12.58 -16.97 23.08
C ASP B 174 -12.36 -18.07 22.06
N GLN B 175 -12.73 -19.29 22.43
CA GLN B 175 -12.64 -20.42 21.53
C GLN B 175 -13.71 -21.45 21.88
N LYS B 176 -14.24 -22.11 20.86
CA LYS B 176 -15.28 -23.10 21.04
C LYS B 176 -14.96 -24.30 20.13
N PRO B 177 -15.21 -25.52 20.59
CA PRO B 177 -15.01 -26.68 19.73
C PRO B 177 -16.08 -26.76 18.65
N ILE B 178 -15.67 -27.23 17.48
CA ILE B 178 -16.60 -27.40 16.36
C ILE B 178 -16.38 -28.78 15.74
N SER B 179 -15.63 -29.64 16.44
CA SER B 179 -15.38 -30.98 15.93
C SER B 179 -16.64 -31.82 15.85
N ASN B 180 -17.67 -31.48 16.62
CA ASN B 180 -18.95 -32.18 16.62
C ASN B 180 -19.94 -31.65 15.59
N LEU B 181 -19.58 -30.59 14.84
CA LEU B 181 -20.47 -30.09 13.82
C LEU B 181 -20.43 -30.99 12.58
N GLY B 182 -21.42 -30.81 11.71
CA GLY B 182 -21.44 -31.47 10.42
C GLY B 182 -20.61 -30.71 9.42
N ASN B 183 -20.86 -31.00 8.15
CA ASN B 183 -20.21 -30.26 7.08
C ASN B 183 -20.69 -28.81 7.08
N ILE B 184 -19.74 -27.88 7.05
CA ILE B 184 -20.04 -26.45 7.03
C ILE B 184 -19.93 -26.00 5.57
N HIS B 185 -21.02 -26.17 4.82
CA HIS B 185 -21.05 -25.82 3.41
C HIS B 185 -21.39 -24.33 3.29
N ALA B 186 -20.37 -23.52 3.02
CA ALA B 186 -20.53 -22.08 2.96
C ALA B 186 -21.08 -21.65 1.59
N SER B 187 -21.60 -20.42 1.56
CA SER B 187 -22.20 -19.89 0.35
C SER B 187 -21.12 -19.54 -0.69
N ASN B 188 -21.54 -19.48 -1.95
CA ASN B 188 -20.65 -18.97 -2.98
C ASN B 188 -20.59 -17.45 -2.98
N ASN B 189 -21.43 -16.79 -2.19
CA ASN B 189 -21.53 -15.34 -2.12
C ASN B 189 -21.13 -14.87 -0.72
N ILE B 190 -20.31 -13.84 -0.66
CA ILE B 190 -20.00 -13.13 0.58
C ILE B 190 -20.64 -11.76 0.48
N MET B 191 -21.57 -11.46 1.37
CA MET B 191 -22.34 -10.22 1.31
C MET B 191 -21.99 -9.35 2.50
N PHE B 192 -21.32 -8.23 2.23
CA PHE B 192 -21.02 -7.21 3.22
C PHE B 192 -22.22 -6.26 3.26
N LYS B 193 -23.04 -6.36 4.31
CA LYS B 193 -24.27 -5.59 4.34
C LYS B 193 -24.90 -5.71 5.71
N LEU B 194 -25.35 -4.58 6.25
CA LEU B 194 -26.08 -4.57 7.52
C LEU B 194 -27.43 -5.23 7.31
N ASP B 195 -27.64 -6.38 7.93
CA ASP B 195 -28.83 -7.20 7.71
C ASP B 195 -29.54 -7.38 9.03
N GLY B 196 -30.78 -6.90 9.11
CA GLY B 196 -31.58 -7.03 10.31
C GLY B 196 -31.35 -5.98 11.37
N CYS B 197 -30.65 -4.90 11.06
CA CYS B 197 -30.40 -3.83 12.02
C CYS B 197 -31.60 -2.88 12.04
N ARG B 198 -32.19 -2.70 13.23
CA ARG B 198 -33.37 -1.84 13.38
C ARG B 198 -33.03 -0.38 13.56
N ASP B 199 -31.78 -0.04 13.85
CA ASP B 199 -31.35 1.34 14.01
C ASP B 199 -31.06 1.94 12.64
N PRO B 200 -31.88 2.89 12.17
CA PRO B 200 -31.69 3.39 10.79
C PRO B 200 -30.45 4.25 10.61
N HIS B 201 -29.83 4.73 11.68
CA HIS B 201 -28.63 5.55 11.56
C HIS B 201 -27.35 4.74 11.75
N ARG B 202 -27.46 3.43 11.95
CA ARG B 202 -26.30 2.61 12.25
C ARG B 202 -25.45 2.37 11.01
N TYR B 203 -24.14 2.37 11.21
CA TYR B 203 -23.20 2.07 10.14
C TYR B 203 -21.97 1.40 10.74
N ILE B 204 -21.08 0.91 9.87
CA ILE B 204 -19.80 0.36 10.28
C ILE B 204 -18.72 0.82 9.30
N TRP B 205 -17.48 0.81 9.79
CA TRP B 205 -16.30 0.96 8.94
C TRP B 205 -15.54 -0.37 8.94
N ILE B 206 -15.05 -0.77 7.77
CA ILE B 206 -14.35 -2.05 7.65
C ILE B 206 -13.27 -1.93 6.60
N LYS B 207 -12.18 -2.65 6.79
CA LYS B 207 -11.05 -2.60 5.87
C LYS B 207 -10.21 -3.86 6.00
N TYR B 208 -9.50 -4.18 4.91
CA TYR B 208 -8.51 -5.24 4.88
C TYR B 208 -9.12 -6.61 5.18
N PHE B 209 -10.31 -6.86 4.65
CA PHE B 209 -10.91 -8.17 4.78
C PHE B 209 -10.09 -9.21 4.02
N ASN B 210 -9.78 -10.32 4.69
CA ASN B 210 -8.95 -11.38 4.13
C ASN B 210 -9.60 -12.74 4.35
N LEU B 211 -9.27 -13.67 3.47
CA LEU B 211 -9.58 -15.08 3.64
C LEU B 211 -8.29 -15.87 3.47
N PHE B 212 -7.98 -16.73 4.43
CA PHE B 212 -6.76 -17.55 4.41
C PHE B 212 -7.13 -19.02 4.33
N ASP B 213 -6.41 -19.75 3.47
CA ASP B 213 -6.64 -21.19 3.28
C ASP B 213 -5.81 -22.01 4.26
N LYS B 214 -5.97 -21.73 5.55
CA LYS B 214 -5.30 -22.45 6.62
C LYS B 214 -5.85 -21.95 7.95
N GLU B 215 -5.43 -22.59 9.03
CA GLU B 215 -5.72 -22.15 10.39
C GLU B 215 -4.50 -21.41 10.89
N LEU B 216 -4.59 -20.08 10.90
CA LEU B 216 -3.48 -19.27 11.36
C LEU B 216 -3.17 -19.58 12.82
N ASN B 217 -1.88 -19.56 13.17
CA ASN B 217 -1.46 -19.73 14.54
C ASN B 217 -1.32 -18.36 15.20
N GLU B 218 -0.98 -18.33 16.48
CA GLU B 218 -0.87 -17.05 17.17
C GLU B 218 0.21 -16.16 16.56
N LYS B 219 1.29 -16.75 16.05
CA LYS B 219 2.39 -15.97 15.50
C LYS B 219 1.96 -15.26 14.22
N GLU B 220 1.37 -15.99 13.29
CA GLU B 220 0.88 -15.40 12.04
C GLU B 220 -0.15 -14.31 12.30
N ILE B 221 -0.95 -14.44 13.35
CA ILE B 221 -1.98 -13.45 13.63
C ILE B 221 -1.37 -12.19 14.24
N LYS B 222 -0.35 -12.35 15.08
CA LYS B 222 0.33 -11.18 15.61
C LYS B 222 1.18 -10.50 14.54
N ASP B 223 1.72 -11.27 13.60
CA ASP B 223 2.44 -10.68 12.47
C ASP B 223 1.49 -9.92 11.56
N LEU B 224 0.28 -10.45 11.34
CA LEU B 224 -0.72 -9.71 10.57
C LEU B 224 -1.09 -8.41 11.27
N TYR B 225 -1.33 -8.47 12.57
CA TYR B 225 -1.75 -7.29 13.32
C TYR B 225 -0.68 -6.21 13.30
N ASP B 226 0.58 -6.61 13.53
CA ASP B 226 1.65 -5.63 13.51
C ASP B 226 1.88 -5.07 12.11
N ASN B 227 1.77 -5.91 11.08
CA ASN B 227 2.12 -5.45 9.74
C ASN B 227 1.06 -4.52 9.18
N GLN B 228 -0.22 -4.86 9.34
CA GLN B 228 -1.31 -4.02 8.87
C GLN B 228 -1.52 -2.78 9.73
N SER B 229 -0.84 -2.67 10.87
CA SER B 229 -0.93 -1.47 11.69
C SER B 229 -0.40 -0.23 11.00
N ASN B 230 0.47 -0.39 10.00
CA ASN B 230 1.06 0.72 9.26
C ASN B 230 1.83 1.66 10.19
N SER B 231 2.86 1.10 10.83
CA SER B 231 3.82 1.92 11.57
C SER B 231 4.53 2.86 10.60
N GLY B 232 5.02 3.98 11.15
CA GLY B 232 5.56 5.05 10.36
C GLY B 232 4.57 6.15 10.06
N ILE B 233 3.28 5.82 10.02
CA ILE B 233 2.21 6.81 9.96
C ILE B 233 1.56 6.89 11.33
N LEU B 234 1.43 8.11 11.85
CA LEU B 234 0.83 8.30 13.16
C LEU B 234 -0.69 8.17 13.09
N LYS B 235 -1.28 7.74 14.20
CA LYS B 235 -2.71 7.47 14.26
C LYS B 235 -3.36 8.34 15.33
N ASP B 236 -4.55 8.86 15.03
CA ASP B 236 -5.33 9.51 16.07
C ASP B 236 -5.96 8.45 16.97
N PHE B 237 -6.69 8.93 17.99
CA PHE B 237 -7.29 8.04 18.98
C PHE B 237 -8.13 6.94 18.33
N TRP B 238 -8.84 7.28 17.26
CA TRP B 238 -9.76 6.33 16.65
C TRP B 238 -9.06 5.30 15.75
N GLY B 239 -7.75 5.44 15.55
CA GLY B 239 -7.00 4.56 14.69
C GLY B 239 -6.78 5.09 13.29
N ASN B 240 -7.47 6.17 12.91
CA ASN B 240 -7.27 6.77 11.60
C ASN B 240 -5.94 7.54 11.57
N TYR B 241 -5.49 7.84 10.34
CA TYR B 241 -4.24 8.53 10.15
C TYR B 241 -4.26 9.90 10.82
N LEU B 242 -3.18 10.21 11.54
CA LEU B 242 -3.02 11.55 12.09
C LEU B 242 -2.78 12.55 10.97
N GLN B 243 -3.35 13.73 11.10
CA GLN B 243 -3.39 14.69 10.00
C GLN B 243 -2.93 16.07 10.46
N TYR B 244 -2.42 16.84 9.51
CA TYR B 244 -2.18 18.26 9.71
C TYR B 244 -3.48 19.04 9.57
N ASP B 245 -3.50 20.24 10.17
CA ASP B 245 -4.61 21.18 10.04
C ASP B 245 -5.91 20.56 10.54
N LYS B 246 -5.83 19.85 11.66
CA LYS B 246 -7.00 19.20 12.25
C LYS B 246 -6.93 19.34 13.76
N PRO B 247 -7.96 19.88 14.40
CA PRO B 247 -7.90 20.08 15.86
C PRO B 247 -8.07 18.76 16.59
N TYR B 248 -7.22 18.57 17.61
CA TYR B 248 -7.23 17.36 18.41
C TYR B 248 -7.33 17.72 19.88
N TYR B 249 -8.29 17.12 20.57
CA TYR B 249 -8.27 17.11 22.02
C TYR B 249 -7.23 16.09 22.48
N MET B 250 -6.49 16.45 23.52
CA MET B 250 -5.34 15.66 23.95
C MET B 250 -5.70 14.77 25.12
N LEU B 251 -5.16 13.56 25.11
CA LEU B 251 -5.35 12.58 26.18
C LEU B 251 -3.99 12.05 26.59
N ASN B 252 -3.75 12.01 27.90
CA ASN B 252 -2.49 11.50 28.44
C ASN B 252 -2.72 10.08 28.94
N LEU B 253 -1.97 9.12 28.37
CA LEU B 253 -2.18 7.72 28.73
C LEU B 253 -1.69 7.40 30.14
N TYR B 254 -0.77 8.21 30.70
CA TYR B 254 -0.34 7.96 32.07
C TYR B 254 -1.42 8.30 33.09
N ASP B 255 -2.23 9.33 32.81
CA ASP B 255 -3.37 9.68 33.65
C ASP B 255 -4.49 10.12 32.72
N PRO B 256 -5.30 9.17 32.23
CA PRO B 256 -6.35 9.52 31.26
C PRO B 256 -7.46 10.39 31.83
N ASN B 257 -7.50 10.58 33.15
CA ASN B 257 -8.55 11.36 33.77
C ASN B 257 -8.23 12.86 33.83
N LYS B 258 -7.43 13.37 32.90
CA LYS B 258 -7.02 14.77 32.90
C LYS B 258 -7.10 15.34 31.49
N TYR B 259 -6.87 16.64 31.38
CA TYR B 259 -6.93 17.31 30.10
C TYR B 259 -6.16 18.63 30.17
N VAL B 260 -5.52 19.00 29.06
CA VAL B 260 -4.72 20.22 29.03
C VAL B 260 -5.65 21.42 29.03
N ASP B 261 -5.38 22.37 29.94
CA ASP B 261 -6.27 23.52 30.12
C ASP B 261 -5.57 24.88 30.04
N VAL B 262 -4.27 24.96 30.26
CA VAL B 262 -3.51 26.21 30.36
C VAL B 262 -4.29 27.33 31.06
N MET B 271 0.73 25.64 30.48
CA MET B 271 -0.13 24.49 30.20
C MET B 271 0.00 23.44 31.29
N TYR B 272 -1.15 23.02 31.84
CA TYR B 272 -1.19 22.05 32.91
C TYR B 272 -2.31 21.05 32.65
N LEU B 273 -2.29 19.94 33.39
CA LEU B 273 -3.27 18.88 33.26
C LEU B 273 -4.31 19.04 34.36
N LYS B 274 -5.47 19.61 34.01
CA LYS B 274 -6.57 19.78 34.94
C LYS B 274 -7.46 18.54 34.93
N GLY B 275 -8.01 18.21 36.09
CA GLY B 275 -8.87 17.06 36.24
C GLY B 275 -9.91 17.24 37.33
N PRO B 276 -10.84 16.27 37.46
CA PRO B 276 -10.95 15.12 36.58
C PRO B 276 -11.65 15.44 35.27
N ARG B 277 -12.03 14.41 34.52
CA ARG B 277 -12.63 14.62 33.21
C ARG B 277 -14.15 14.82 33.29
N GLY B 278 -14.83 13.99 34.08
CA GLY B 278 -16.28 14.04 34.04
C GLY B 278 -16.81 13.19 32.91
N SER B 279 -17.91 12.49 33.16
CA SER B 279 -18.42 11.47 32.26
C SER B 279 -19.60 11.98 31.45
N ILE B 280 -19.78 11.39 30.27
CA ILE B 280 -20.98 11.57 29.46
C ILE B 280 -21.82 10.31 29.59
N VAL B 281 -23.14 10.47 29.72
CA VAL B 281 -24.00 9.35 30.10
C VAL B 281 -25.28 9.40 29.27
N THR B 282 -25.68 8.25 28.74
CA THR B 282 -27.06 7.96 28.36
C THR B 282 -27.47 6.71 29.12
N THR B 283 -28.46 6.85 29.98
CA THR B 283 -28.75 5.83 30.99
C THR B 283 -29.01 4.47 30.35
N ASN B 284 -28.39 3.44 30.93
CA ASN B 284 -28.48 2.04 30.52
C ASN B 284 -27.86 1.78 29.15
N ILE B 285 -27.28 2.78 28.49
CA ILE B 285 -26.71 2.61 27.16
C ILE B 285 -25.19 2.79 27.19
N TYR B 286 -24.70 3.89 27.74
CA TYR B 286 -23.26 4.07 27.85
C TYR B 286 -22.94 5.03 28.98
N LEU B 287 -21.71 4.91 29.49
CA LEU B 287 -21.19 5.77 30.53
C LEU B 287 -19.69 5.85 30.29
N ASN B 288 -19.23 6.96 29.71
CA ASN B 288 -17.85 7.12 29.30
C ASN B 288 -17.32 8.47 29.74
N SER B 289 -16.00 8.56 29.87
CA SER B 289 -15.36 9.83 30.15
C SER B 289 -15.48 10.78 28.97
N SER B 290 -15.61 12.06 29.28
CA SER B 290 -15.66 13.08 28.24
C SER B 290 -14.30 13.14 27.54
N LEU B 291 -14.34 13.16 26.20
CA LEU B 291 -13.13 13.24 25.39
C LEU B 291 -12.97 14.57 24.70
N TYR B 292 -14.05 15.32 24.47
CA TYR B 292 -13.97 16.61 23.80
C TYR B 292 -13.77 17.74 24.82
N MET B 293 -12.63 17.69 25.51
CA MET B 293 -12.34 18.68 26.54
C MET B 293 -10.91 19.17 26.42
N GLY B 294 -10.68 20.34 27.05
CA GLY B 294 -9.36 20.95 27.08
C GLY B 294 -9.07 21.78 25.85
N THR B 295 -7.82 22.27 25.80
CA THR B 295 -7.36 23.03 24.66
C THR B 295 -6.99 22.09 23.52
N LYS B 296 -7.37 22.47 22.31
CA LYS B 296 -7.12 21.64 21.13
C LYS B 296 -5.73 21.89 20.58
N PHE B 297 -5.04 20.82 20.20
CA PHE B 297 -3.77 20.91 19.52
C PHE B 297 -4.00 20.78 18.02
N ILE B 298 -3.29 21.59 17.24
CA ILE B 298 -3.33 21.55 15.79
C ILE B 298 -1.90 21.45 15.29
N ILE B 299 -1.65 20.52 14.38
CA ILE B 299 -0.30 20.21 13.91
C ILE B 299 -0.08 20.92 12.58
N LYS B 300 0.90 21.81 12.55
CA LYS B 300 1.21 22.59 11.37
C LYS B 300 2.41 22.01 10.65
N LYS B 301 2.47 22.25 9.34
CA LYS B 301 3.58 21.77 8.53
C LYS B 301 4.82 22.63 8.73
N TYR B 302 5.97 22.03 8.44
CA TYR B 302 7.26 22.71 8.58
C TYR B 302 8.32 22.09 7.70
N LYS B 307 3.63 16.91 1.26
CA LYS B 307 2.73 16.58 0.18
C LYS B 307 1.28 16.53 0.65
N ASP B 308 0.85 15.36 1.13
CA ASP B 308 -0.49 15.19 1.65
C ASP B 308 -0.60 15.80 3.05
N ASN B 309 -1.77 15.63 3.68
CA ASN B 309 -2.01 16.13 5.03
C ASN B 309 -1.90 15.00 6.06
N ILE B 310 -0.94 14.10 5.92
CA ILE B 310 -0.80 12.96 6.80
C ILE B 310 0.51 13.11 7.58
N VAL B 311 0.42 12.99 8.90
CA VAL B 311 1.60 13.07 9.76
C VAL B 311 2.28 11.72 9.78
N ARG B 312 3.58 11.72 9.44
CA ARG B 312 4.37 10.50 9.39
C ARG B 312 5.46 10.55 10.45
N ASN B 313 6.22 9.45 10.53
CA ASN B 313 7.28 9.33 11.51
C ASN B 313 8.42 10.28 11.18
N ASN B 314 9.02 10.85 12.22
CA ASN B 314 10.16 11.76 12.09
C ASN B 314 9.81 13.02 11.31
N ASP B 315 8.55 13.43 11.31
CA ASP B 315 8.15 14.69 10.69
C ASP B 315 8.42 15.85 11.64
N ARG B 316 9.06 16.89 11.12
CA ARG B 316 9.30 18.12 11.89
C ARG B 316 8.09 19.03 11.70
N VAL B 317 7.39 19.33 12.80
CA VAL B 317 6.10 20.00 12.74
C VAL B 317 6.07 21.12 13.77
N TYR B 318 5.10 22.02 13.58
CA TYR B 318 4.71 23.01 14.58
C TYR B 318 3.41 22.59 15.23
N ILE B 319 3.28 22.87 16.53
CA ILE B 319 2.08 22.54 17.29
C ILE B 319 1.42 23.83 17.75
N ASN B 320 0.20 24.07 17.28
CA ASN B 320 -0.62 25.18 17.76
C ASN B 320 -1.53 24.72 18.88
N VAL B 321 -1.96 25.66 19.70
CA VAL B 321 -2.84 25.39 20.84
C VAL B 321 -3.97 26.43 20.82
N VAL B 322 -5.20 25.96 20.68
CA VAL B 322 -6.36 26.85 20.67
C VAL B 322 -6.74 27.15 22.10
N VAL B 323 -6.74 28.45 22.46
CA VAL B 323 -6.95 28.84 23.84
C VAL B 323 -8.35 29.43 24.01
N LYS B 324 -8.63 30.50 23.26
CA LYS B 324 -9.94 31.15 23.27
C LYS B 324 -10.27 31.52 21.83
N ASN B 325 -10.49 30.51 20.99
CA ASN B 325 -10.61 30.65 19.54
C ASN B 325 -9.39 31.34 18.95
N LYS B 326 -8.27 31.29 19.66
CA LYS B 326 -7.00 31.85 19.22
C LYS B 326 -5.99 30.73 19.08
N GLU B 327 -5.35 30.66 17.93
CA GLU B 327 -4.28 29.70 17.71
C GLU B 327 -2.96 30.28 18.21
N TYR B 328 -2.39 29.65 19.25
CA TYR B 328 -1.11 30.07 19.80
C TYR B 328 0.00 29.19 19.24
N ARG B 329 1.03 28.90 20.04
CA ARG B 329 2.18 28.16 19.52
C ARG B 329 2.90 27.45 20.65
N LEU B 330 3.17 26.17 20.44
CA LEU B 330 3.95 25.39 21.39
C LEU B 330 5.41 25.85 21.35
N ALA B 331 5.96 26.18 22.53
CA ALA B 331 7.35 26.62 22.63
C ALA B 331 7.75 26.57 24.10
N THR B 332 9.07 26.65 24.33
CA THR B 332 9.60 26.73 25.68
C THR B 332 10.81 27.64 25.72
N LEU B 343 9.53 23.44 30.82
CA LEU B 343 8.15 23.91 30.94
C LEU B 343 7.70 24.60 29.65
N SER B 344 6.68 24.02 29.00
CA SER B 344 6.20 24.53 27.74
C SER B 344 5.18 25.64 27.97
N VAL B 345 5.27 26.70 27.16
CA VAL B 345 4.38 27.85 27.22
C VAL B 345 3.87 28.14 25.81
N LEU B 346 3.02 29.16 25.69
CA LEU B 346 2.37 29.49 24.43
C LEU B 346 2.74 30.90 23.98
N GLU B 347 2.87 31.09 22.67
CA GLU B 347 3.23 32.35 22.04
C GLU B 347 2.14 32.73 21.04
N ILE B 348 2.45 33.71 20.19
CA ILE B 348 1.65 33.96 18.98
C ILE B 348 2.60 34.24 17.81
N PRO B 349 3.27 35.44 17.68
CA PRO B 349 4.24 35.58 16.59
C PRO B 349 5.63 35.88 17.11
N ASP B 350 5.99 35.28 18.25
CA ASP B 350 7.22 35.62 18.95
C ASP B 350 8.19 34.44 18.98
N SER B 355 12.47 27.94 20.53
CA SER B 355 12.57 26.48 20.53
C SER B 355 11.17 25.86 20.44
N GLN B 356 10.72 25.63 19.20
CA GLN B 356 9.35 25.21 18.95
C GLN B 356 9.24 23.96 18.08
N VAL B 357 10.28 23.56 17.36
CA VAL B 357 10.17 22.44 16.43
C VAL B 357 9.93 21.15 17.20
N VAL B 358 9.02 20.33 16.70
CA VAL B 358 8.67 19.05 17.32
C VAL B 358 8.81 17.97 16.27
N VAL B 359 9.42 16.85 16.66
CA VAL B 359 9.54 15.67 15.81
C VAL B 359 8.49 14.67 16.25
N MET B 360 7.56 14.36 15.33
CA MET B 360 6.50 13.41 15.63
C MET B 360 7.03 11.99 15.54
N LYS B 361 6.90 11.23 16.63
CA LYS B 361 7.40 9.86 16.69
C LYS B 361 6.24 8.90 16.87
N SER B 362 6.25 7.81 16.10
CA SER B 362 5.25 6.77 16.23
C SER B 362 5.85 5.49 16.80
N CYS B 372 2.36 7.65 19.48
CA CYS B 372 2.22 9.10 19.40
C CYS B 372 3.01 9.82 20.47
N LYS B 373 4.19 10.31 20.09
CA LYS B 373 5.03 11.06 21.00
C LYS B 373 5.60 12.27 20.27
N MET B 374 5.95 13.28 21.05
CA MET B 374 6.39 14.57 20.52
C MET B 374 7.72 14.94 21.18
N ASN B 375 8.78 14.97 20.37
CA ASN B 375 10.13 15.27 20.85
C ASN B 375 10.44 16.71 20.47
N LEU B 376 10.62 17.57 21.49
CA LEU B 376 10.84 18.99 21.24
C LEU B 376 12.27 19.24 20.79
N GLN B 377 12.41 20.01 19.72
CA GLN B 377 13.69 20.35 19.11
C GLN B 377 14.01 21.81 19.36
N ASP B 378 15.22 22.22 18.97
CA ASP B 378 15.63 23.61 19.05
C ASP B 378 16.13 24.04 17.66
N ASN B 379 16.64 25.27 17.60
CA ASN B 379 17.13 25.81 16.33
C ASN B 379 18.41 25.12 15.88
N ASN B 380 19.22 24.63 16.83
CA ASN B 380 20.46 23.94 16.48
C ASN B 380 20.25 22.49 16.09
N GLY B 381 19.03 21.97 16.20
CA GLY B 381 18.76 20.59 15.87
C GLY B 381 18.98 19.62 17.01
N ASN B 382 19.04 20.09 18.24
CA ASN B 382 19.26 19.22 19.40
C ASN B 382 17.93 18.94 20.08
N ASP B 383 17.76 17.70 20.53
CA ASP B 383 16.54 17.31 21.22
C ASP B 383 16.46 17.98 22.58
N ILE B 384 15.30 18.57 22.87
CA ILE B 384 15.05 19.13 24.20
C ILE B 384 14.32 18.14 25.10
N GLY B 385 13.64 17.14 24.54
CA GLY B 385 12.96 16.14 25.33
C GLY B 385 11.53 15.89 24.91
N PHE B 386 11.03 14.69 25.19
CA PHE B 386 9.65 14.37 24.88
C PHE B 386 8.70 15.13 25.80
N ILE B 387 7.60 15.62 25.22
CA ILE B 387 6.65 16.41 26.00
C ILE B 387 5.85 15.48 26.90
N GLY B 388 5.90 15.75 28.20
CA GLY B 388 5.22 14.93 29.18
C GLY B 388 4.97 15.67 30.49
N LEU B 398 3.12 20.43 31.88
CA LEU B 398 3.58 20.03 30.56
C LEU B 398 5.03 20.45 30.33
N VAL B 399 5.94 19.50 30.45
CA VAL B 399 7.36 19.77 30.33
C VAL B 399 7.95 18.93 29.21
N ALA B 400 9.10 19.39 28.70
CA ALA B 400 9.89 18.65 27.72
C ALA B 400 11.19 18.25 28.39
N SER B 401 11.38 16.95 28.60
CA SER B 401 12.53 16.44 29.34
C SER B 401 13.12 15.24 28.62
N ASN B 402 14.44 15.15 28.65
CA ASN B 402 15.14 14.04 27.99
C ASN B 402 15.10 12.78 28.86
N THR B 414 2.82 3.91 29.05
CA THR B 414 3.64 3.65 30.22
C THR B 414 4.16 4.94 30.86
N PHE B 415 4.73 5.82 30.04
CA PHE B 415 5.33 7.06 30.52
C PHE B 415 4.38 8.25 30.29
N GLY B 416 4.64 9.32 31.05
CA GLY B 416 3.87 10.54 30.95
C GLY B 416 4.04 11.30 29.64
N CYS B 417 4.92 10.84 28.76
CA CYS B 417 5.12 11.46 27.45
C CYS B 417 4.28 10.82 26.36
N SER B 418 3.47 9.82 26.70
CA SER B 418 2.58 9.17 25.74
C SER B 418 1.26 9.93 25.65
N TRP B 419 0.85 10.24 24.42
CA TRP B 419 -0.37 11.02 24.20
C TRP B 419 -1.25 10.33 23.17
N GLU B 420 -2.52 10.71 23.17
CA GLU B 420 -3.48 10.34 22.14
C GLU B 420 -4.12 11.60 21.61
N PHE B 421 -4.28 11.68 20.28
CA PHE B 421 -4.94 12.80 19.63
C PHE B 421 -6.39 12.41 19.35
N ILE B 422 -7.32 13.14 19.96
CA ILE B 422 -8.74 12.82 19.80
C ILE B 422 -9.43 13.91 18.98
N PRO B 423 -9.74 13.66 17.72
CA PRO B 423 -10.58 14.58 16.96
C PRO B 423 -12.06 14.24 17.10
N VAL B 424 -12.89 15.25 16.83
CA VAL B 424 -14.33 15.02 16.82
C VAL B 424 -14.62 13.99 15.74
N ASP B 425 -15.38 12.95 16.10
CA ASP B 425 -15.73 11.90 15.15
C ASP B 425 -17.20 11.62 15.22
N ASP B 426 -17.80 11.34 14.06
CA ASP B 426 -19.22 11.05 14.01
C ASP B 426 -19.57 9.81 14.82
N GLY B 427 -18.66 8.85 14.91
CA GLY B 427 -18.96 7.61 15.62
C GLY B 427 -18.96 7.73 17.13
N TRP B 428 -18.49 8.85 17.67
CA TRP B 428 -18.47 9.04 19.11
C TRP B 428 -19.70 9.77 19.61
N GLY B 429 -20.12 10.84 18.93
CA GLY B 429 -21.39 11.49 19.21
C GLY B 429 -21.46 12.12 20.59
N GLU B 430 -20.51 12.98 20.89
CA GLU B 430 -20.46 13.71 22.14
C GLU B 430 -20.54 15.20 21.83
N SER B 431 -21.28 15.93 22.66
CA SER B 431 -21.43 17.37 22.48
C SER B 431 -20.07 18.07 22.51
N PRO B 432 -19.63 18.70 21.41
CA PRO B 432 -18.35 19.41 21.41
C PRO B 432 -18.42 20.83 21.92
N LEU B 433 -19.62 21.38 22.10
CA LEU B 433 -19.77 22.75 22.57
C LEU B 433 -19.74 22.81 24.10
#